data_7EG6
#
_entry.id   7EG6
#
_cell.length_a   1.00
_cell.length_b   1.00
_cell.length_c   1.00
_cell.angle_alpha   90.00
_cell.angle_beta   90.00
_cell.angle_gamma   90.00
#
_symmetry.space_group_name_H-M   'P 1'
#
loop_
_entity.id
_entity.type
_entity.pdbx_description
1 polymer 'SWI/SNF chromatin-remodeling complex subunit SNF5'
2 polymer 'Histone H3.2'
3 polymer 'Histone H4'
4 polymer 'Histone H2A type 1'
5 polymer 'Histone H2B 1.1'
6 polymer 'DNA (235-MER)'
7 polymer 'DNA (235-MER)'
#
loop_
_entity_poly.entity_id
_entity_poly.type
_entity_poly.pdbx_seq_one_letter_code
_entity_poly.pdbx_strand_id
1 'polypeptide(L)'
;MNNQPQGTNSVPNSIGNIFSNIGTPSFNMAQIPQQLYQSLTPQQLQMIQQRHQQLLRSRLQQQQQQQQQTSPPPQTHQSP
PPPPQQSQPIANQSATSTPPPPPAPHNLHPQIGQVPLAPAPINLPPQIAQLPLATQQQVLNKLRQQAIAKNNPQVVNAIT
VAQQQVQRQIEQQKGQQTAQTQLEQQRQLLVQQQQQQQLRNQIQRQQQQQFRHHVQIQQQQQKQQQQQQQHQQQQQQQQQ
QQQQQQQQQQQQQQQQQQQQQQQQQQQQGQIPQSQQVPQVRSMSGQPPTNVQPTIGQLPQLPKLNLPKYQTIQYDPPETK
LPYPTYWSDKKADTDTLLYEQIIQRDKINKYSLIRETNGYDPFSIYGFSNKEYISRLWHTLKYYQDLKNTRMKSITSTSQ
KIPSASIWGNGYSGYGNGITNTTTRVIPQVEVGNRKHYLEDKLKVYKQAMNETSEQLVPIRLEFDQDRDRFFLRDTLLWN
KNDKLIKIEDFVDDMLRDYRFEDATREQHIDTICQSIQEQIQEFQGNPYIELNQDRLGGDDLRIRIKLDIVVGQNQLIDQ
FEWDISNSDNCPEEFAESMCQELELPGEFVTAIAHSIREQVHMYHKSLALLGYNFDGSAIEDDDIRSRMLPTITLDDVYR
PAAESKIFTPNLLQISAAELERLDKDKDRDTRRKRRQGRSNRRGMLALSGTSASNTSMNGVHNTVAAGNASSLPPGEILL
PDIADIPRTFRTPVPSTLMPGGVDVGPSVESYELRNTTTYKSRPDRPKPVSPPCYIIDHIPGHSLLLSIKLPGKVNTKEE
FAAAPNDTSSGTNAMLPSPESLKTKLNSNIRAGVTIPSIPNPIANHTVTNSPNPTLQPVIPGGAASKSVPTPSLPIAPPV
APHDSEATLLTNSNNGSSNNNTQNT
;
M
2 'polypeptide(L)'
;ARTKQTARKSTGGKAPRKQLATKAARKSAPATGGVKKPHRYRPGTVALREIRRYQKSTELLIRKLPFQRLVREIAQDFKT
DLRFQSSAVMALQEASEAYLVGLFEDTNLCAIHAKRVTIMPKDIQLARRIRGERA
;
A,E
3 'polypeptide(L)'
;SGRGKGGKGLGKGGAKRHRKVLRDNIQGITKPAIRRLARRGGVKRISGLIYEETRGVLKVFLENVIRDAVTYTEHAKRKT
VTAMDVVYALKRQGRTLYGFGG
;
B,F
4 'polypeptide(L)'
;SGRGKQGGKTRAKAKTRSSRAGLQFPVGRVHRLLRKGNYAERVGAGAPVYLAAVLEYLTAEILELAGNAARDNKKTRIIP
RHLQLAVRNDEELNKLLGRVTIAQGGVLPNIQSVLLPKKTESSKSAKSK
;
C,G
5 'polypeptide(L)'
;AKSAPAPKKGSKKAVTKTQKKDGKKRRKTRKESYAIYVYKVLKQVHPDTGISSKAMSIMNSFVNDVFERIAGEASRLAHY
NKRSTITSREIQTAVRLLLPGELAKHAVSEGTKAVTKYTSAK
;
D,H
6 'polydeoxyribonucleotide'
;(DT)(DT)(DA)(DT)(DG)(DT)(DG)(DA)(DT)(DG)(DG)(DA)(DC)(DC)(DC)(DT)(DA)(DT)(DA)(DC)
(DG)(DC)(DG)(DG)(DC)(DC)(DG)(DC)(DC)(DC)(DT)(DG)(DG)(DA)(DG)(DA)(DA)(DT)(DC)(DC)
(DC)(DG)(DG)(DT)(DG)(DC)(DC)(DG)(DA)(DG)(DG)(DC)(DC)(DG)(DC)(DT)(DC)(DA)(DA)(DT)
(DT)(DG)(DG)(DT)(DC)(DG)(DT)(DA)(DG)(DA)(DC)(DA)(DG)(DC)(DT)(DC)(DT)(DA)(DG)(DC)
(DA)(DC)(DC)(DG)(DC)(DT)(DT)(DA)(DA)(DA)(DC)(DG)(DC)(DA)(DC)(DG)(DT)(DA)(DC)(DG)
(DC)(DG)(DC)(DT)(DG)(DT)(DC)(DC)(DC)(DC)(DC)(DG)(DC)(DG)(DT)(DT)(DT)(DT)(DA)(DA)
(DC)(DC)(DG)(DC)(DC)(DA)(DA)(DG)(DG)(DG)(DG)(DA)(DT)(DT)(DA)(DC)(DT)(DC)(DC)(DC)
(DT)(DA)(DG)(DT)(DC)(DT)(DC)(DC)(DA)(DG)(DG)(DC)(DA)(DC)(DG)(DT)(DG)(DT)(DC)(DA)
(DG)(DA)(DT)(DA)(DT)(DA)(DT)(DA)(DC)(DA)(DT)(DC)(DC)(DT)(DG)(DA)(DA)(DG)(DC)(DT)
(DT)(DG)(DT)(DC)(DG)(DA)(DG)(DA)(DA)(DG)(DT)(DA)(DC)(DT)(DA)(DG)(DA)(DG)(DG)(DA)
(DT)(DC)(DA)(DT)(DA)(DA)(DT)(DC)(DA)(DG)(DC)(DC)(DA)(DT)(DA)(DC)(DC)(DA)(DC)(DA)
(DT)(DT)(DT)(DG)(DT)(DA)(DG)(DA)(DG)(DG)(DT)(DT)(DT)(DT)(DA)
;
I
7 'polydeoxyribonucleotide'
;(DT)(DA)(DA)(DA)(DA)(DC)(DC)(DT)(DC)(DT)(DA)(DC)(DA)(DA)(DA)(DT)(DG)(DT)(DG)(DG)
(DT)(DA)(DT)(DG)(DG)(DC)(DT)(DG)(DA)(DT)(DT)(DA)(DT)(DG)(DA)(DT)(DC)(DC)(DT)(DC)
(DT)(DA)(DG)(DT)(DA)(DC)(DT)(DT)(DC)(DT)(DC)(DG)(DA)(DC)(DA)(DA)(DG)(DC)(DT)(DT)
(DC)(DA)(DG)(DG)(DA)(DT)(DG)(DT)(DA)(DT)(DA)(DT)(DA)(DT)(DC)(DT)(DG)(DA)(DC)(DA)
(DC)(DG)(DT)(DG)(DC)(DC)(DT)(DG)(DG)(DA)(DG)(DA)(DC)(DT)(DA)(DG)(DG)(DG)(DA)(DG)
(DT)(DA)(DA)(DT)(DC)(DC)(DC)(DC)(DT)(DT)(DG)(DG)(DC)(DG)(DG)(DT)(DT)(DA)(DA)(DA)
(DA)(DC)(DG)(DC)(DG)(DG)(DG)(DG)(DG)(DA)(DC)(DA)(DG)(DC)(DG)(DC)(DG)(DT)(DA)(DC)
(DG)(DT)(DG)(DC)(DG)(DT)(DT)(DT)(DA)(DA)(DG)(DC)(DG)(DG)(DT)(DG)(DC)(DT)(DA)(DG)
(DA)(DG)(DC)(DT)(DG)(DT)(DC)(DT)(DA)(DC)(DG)(DA)(DC)(DC)(DA)(DA)(DT)(DT)(DG)(DA)
(DG)(DC)(DG)(DG)(DC)(DC)(DT)(DC)(DG)(DG)(DC)(DA)(DC)(DC)(DG)(DG)(DG)(DA)(DT)(DT)
(DC)(DT)(DC)(DC)(DA)(DG)(DG)(DG)(DC)(DG)(DG)(DC)(DC)(DG)(DC)(DG)(DT)(DA)(DT)(DA)
(DG)(DG)(DG)(DT)(DC)(DC)(DA)(DT)(DC)(DA)(DC)(DA)(DT)(DA)(DA)
;
J
#
loop_
_chem_comp.id
_chem_comp.type
_chem_comp.name
_chem_comp.formula
DA DNA linking 2'-DEOXYADENOSINE-5'-MONOPHOSPHATE 'C10 H14 N5 O6 P'
DC DNA linking 2'-DEOXYCYTIDINE-5'-MONOPHOSPHATE 'C9 H14 N3 O7 P'
DG DNA linking 2'-DEOXYGUANOSINE-5'-MONOPHOSPHATE 'C10 H14 N5 O7 P'
DT DNA linking THYMIDINE-5'-MONOPHOSPHATE 'C10 H15 N2 O8 P'
#
# COMPACT_ATOMS: atom_id res chain seq x y z
N LEU A 663 15.67 22.83 -9.37
CA LEU A 663 16.08 24.09 -8.76
C LEU A 663 15.09 25.21 -9.06
N ASP A 664 14.36 25.08 -10.17
CA ASP A 664 13.35 26.07 -10.50
C ASP A 664 12.13 25.96 -9.61
N LYS A 665 11.71 24.72 -9.32
CA LYS A 665 10.59 24.51 -8.40
C LYS A 665 11.05 24.63 -6.94
N ASP A 666 12.30 24.27 -6.68
CA ASP A 666 12.80 24.23 -5.31
C ASP A 666 12.94 25.64 -4.72
N LYS A 667 13.35 26.61 -5.53
CA LYS A 667 13.45 27.98 -5.03
C LYS A 667 12.06 28.62 -4.87
N ASP A 668 11.06 28.06 -5.55
CA ASP A 668 9.70 28.60 -5.43
C ASP A 668 9.10 28.29 -4.07
N ARG A 669 9.43 27.12 -3.50
CA ARG A 669 8.79 26.70 -2.27
C ARG A 669 9.36 27.44 -1.05
N ASP A 670 10.59 27.96 -1.17
CA ASP A 670 11.13 28.78 -0.09
C ASP A 670 10.44 30.13 -0.01
N THR A 671 10.06 30.70 -1.17
CA THR A 671 9.35 31.97 -1.18
C THR A 671 7.92 31.81 -0.68
N ARG A 672 7.41 30.57 -0.81
CA ARG A 672 6.06 30.22 -0.28
C ARG A 672 6.09 30.33 1.24
N ARG A 673 7.19 29.88 1.86
CA ARG A 673 7.31 29.88 3.32
C ARG A 673 7.53 31.29 3.86
N LYS A 674 8.29 32.12 3.13
CA LYS A 674 8.73 33.40 3.67
C LYS A 674 7.60 34.43 3.70
N ARG A 675 6.62 34.29 2.80
CA ARG A 675 5.48 35.21 2.84
C ARG A 675 4.59 34.92 4.04
N ARG A 676 4.60 33.65 4.46
CA ARG A 676 3.89 33.22 5.70
C ARG A 676 4.60 33.88 6.89
N GLN A 677 5.95 33.90 6.86
CA GLN A 677 6.73 34.56 7.90
C GLN A 677 6.70 36.08 7.72
N GLY A 678 6.44 36.55 6.49
CA GLY A 678 6.27 37.96 6.25
C GLY A 678 4.91 38.52 6.59
N ARG A 679 3.86 37.70 6.47
CA ARG A 679 2.54 38.15 6.91
C ARG A 679 2.41 38.10 8.42
N SER A 680 3.22 37.25 9.07
CA SER A 680 3.22 37.15 10.52
C SER A 680 4.24 38.11 11.13
N LYS B 37 -28.45 19.61 -47.60
CA LYS B 37 -27.81 18.59 -46.78
C LYS B 37 -27.80 19.00 -45.31
N PRO B 38 -28.21 18.09 -44.43
CA PRO B 38 -28.14 18.37 -42.99
C PRO B 38 -26.70 18.39 -42.49
N HIS B 39 -26.53 18.93 -41.30
CA HIS B 39 -25.21 19.10 -40.68
C HIS B 39 -24.87 17.85 -39.88
N ARG B 40 -23.86 17.11 -40.32
CA ARG B 40 -23.38 15.93 -39.61
C ARG B 40 -21.88 16.04 -39.39
N TYR B 41 -21.46 15.81 -38.16
CA TYR B 41 -20.05 15.85 -37.84
C TYR B 41 -19.37 14.55 -38.25
N ARG B 42 -18.06 14.64 -38.44
CA ARG B 42 -17.27 13.44 -38.69
C ARG B 42 -17.12 12.65 -37.39
N PRO B 43 -16.96 11.32 -37.48
CA PRO B 43 -16.74 10.52 -36.27
C PRO B 43 -15.45 10.87 -35.56
N GLY B 44 -15.56 11.34 -34.32
CA GLY B 44 -14.43 11.75 -33.51
C GLY B 44 -14.53 13.15 -32.96
N THR B 45 -15.28 14.03 -33.62
CA THR B 45 -15.43 15.39 -33.11
C THR B 45 -16.30 15.42 -31.86
N VAL B 46 -17.45 14.72 -31.92
CA VAL B 46 -18.36 14.70 -30.79
C VAL B 46 -17.74 13.95 -29.62
N ALA B 47 -16.90 12.95 -29.92
CA ALA B 47 -16.17 12.24 -28.88
C ALA B 47 -15.19 13.16 -28.16
N LEU B 48 -14.49 14.01 -28.91
CA LEU B 48 -13.55 14.95 -28.29
C LEU B 48 -14.28 16.01 -27.48
N ARG B 49 -15.44 16.47 -27.97
CA ARG B 49 -16.20 17.45 -27.20
C ARG B 49 -16.77 16.84 -25.92
N GLU B 50 -17.18 15.57 -25.98
CA GLU B 50 -17.62 14.88 -24.79
C GLU B 50 -16.47 14.66 -23.81
N ILE B 51 -15.27 14.40 -24.34
CA ILE B 51 -14.09 14.23 -23.49
C ILE B 51 -13.78 15.52 -22.74
N ARG B 52 -13.78 16.64 -23.46
CA ARG B 52 -13.50 17.93 -22.83
C ARG B 52 -14.59 18.32 -21.83
N ARG B 53 -15.85 18.01 -22.16
CA ARG B 53 -16.95 18.35 -21.27
C ARG B 53 -16.91 17.54 -19.98
N TYR B 54 -16.74 16.22 -20.09
CA TYR B 54 -16.76 15.40 -18.90
C TYR B 54 -15.46 15.42 -18.14
N GLN B 55 -14.38 15.93 -18.74
CA GLN B 55 -13.18 16.19 -17.95
C GLN B 55 -13.22 17.58 -17.32
N LYS B 56 -14.05 18.47 -17.83
CA LYS B 56 -14.23 19.78 -17.20
C LYS B 56 -15.12 19.72 -15.98
N SER B 57 -16.14 18.86 -15.98
CA SER B 57 -17.13 18.82 -14.93
C SER B 57 -16.68 17.91 -13.80
N THR B 58 -17.51 17.85 -12.75
CA THR B 58 -17.12 17.09 -11.56
C THR B 58 -18.27 16.31 -10.93
N GLU B 59 -19.40 16.15 -11.61
CA GLU B 59 -20.52 15.45 -11.00
C GLU B 59 -20.41 13.95 -11.26
N LEU B 60 -21.29 13.20 -10.58
CA LEU B 60 -21.35 11.76 -10.79
C LEU B 60 -22.02 11.43 -12.11
N LEU B 61 -21.56 10.37 -12.76
CA LEU B 61 -22.00 10.04 -14.11
C LEU B 61 -22.97 8.88 -14.16
N ILE B 62 -23.12 8.12 -13.08
CA ILE B 62 -24.10 7.06 -13.00
C ILE B 62 -25.33 7.59 -12.29
N ARG B 63 -26.50 7.13 -12.72
CA ARG B 63 -27.75 7.52 -12.07
C ARG B 63 -27.81 6.92 -10.68
N LYS B 64 -28.32 7.70 -9.73
CA LYS B 64 -28.29 7.36 -8.31
C LYS B 64 -29.09 6.12 -7.97
N LEU B 65 -30.34 6.05 -8.43
CA LEU B 65 -31.23 4.95 -8.06
C LEU B 65 -30.80 3.58 -8.60
N PRO B 66 -30.33 3.42 -9.85
CA PRO B 66 -29.81 2.09 -10.24
C PRO B 66 -28.58 1.66 -9.47
N PHE B 67 -27.71 2.61 -9.11
CA PHE B 67 -26.55 2.26 -8.30
C PHE B 67 -26.96 1.88 -6.89
N GLN B 68 -27.97 2.54 -6.35
CA GLN B 68 -28.47 2.19 -5.02
C GLN B 68 -29.11 0.81 -5.02
N ARG B 69 -29.86 0.48 -6.07
CA ARG B 69 -30.44 -0.85 -6.18
C ARG B 69 -29.38 -1.92 -6.36
N LEU B 70 -28.30 -1.59 -7.10
CA LEU B 70 -27.21 -2.55 -7.25
C LEU B 70 -26.48 -2.80 -5.93
N VAL B 71 -26.26 -1.74 -5.16
CA VAL B 71 -25.58 -1.88 -3.88
C VAL B 71 -26.42 -2.72 -2.92
N ARG B 72 -27.74 -2.50 -2.90
CA ARG B 72 -28.60 -3.28 -2.03
C ARG B 72 -28.67 -4.74 -2.48
N GLU B 73 -28.68 -4.98 -3.79
CA GLU B 73 -28.73 -6.35 -4.31
C GLU B 73 -27.45 -7.11 -4.00
N ILE B 74 -26.30 -6.43 -4.10
CA ILE B 74 -25.03 -7.07 -3.77
C ILE B 74 -24.93 -7.34 -2.27
N ALA B 75 -25.35 -6.38 -1.44
CA ALA B 75 -25.27 -6.55 0.00
C ALA B 75 -26.29 -7.56 0.52
N GLN B 76 -27.31 -7.91 -0.26
CA GLN B 76 -28.26 -8.93 0.16
C GLN B 76 -27.60 -10.31 0.25
N ASP B 77 -26.53 -10.53 -0.50
CA ASP B 77 -25.83 -11.82 -0.48
C ASP B 77 -24.90 -11.99 0.71
N PHE B 78 -24.82 -11.03 1.62
CA PHE B 78 -23.96 -11.16 2.78
C PHE B 78 -24.72 -11.20 4.09
N LYS B 79 -25.59 -10.22 4.34
CA LYS B 79 -26.50 -10.26 5.48
C LYS B 79 -27.83 -9.70 5.03
N THR B 80 -28.89 -10.44 5.29
CA THR B 80 -30.21 -10.02 4.85
C THR B 80 -30.73 -8.90 5.75
N ASP B 81 -31.62 -8.08 5.17
CA ASP B 81 -32.33 -6.99 5.86
C ASP B 81 -31.33 -5.99 6.46
N LEU B 82 -30.48 -5.44 5.60
CA LEU B 82 -29.56 -4.40 6.00
C LEU B 82 -30.12 -3.04 5.66
N ARG B 83 -29.70 -2.03 6.40
CA ARG B 83 -30.06 -0.66 6.13
C ARG B 83 -28.82 0.13 5.76
N PHE B 84 -29.00 1.15 4.93
CA PHE B 84 -27.89 1.94 4.43
C PHE B 84 -28.17 3.41 4.72
N GLN B 85 -27.17 4.10 5.25
CA GLN B 85 -27.22 5.54 5.25
C GLN B 85 -27.03 6.04 3.83
N SER B 86 -27.58 7.22 3.54
CA SER B 86 -27.48 7.78 2.20
C SER B 86 -26.05 8.16 1.87
N SER B 87 -25.30 8.64 2.86
CA SER B 87 -23.91 9.01 2.65
C SER B 87 -23.04 7.78 2.39
N ALA B 88 -23.45 6.62 2.87
CA ALA B 88 -22.73 5.39 2.54
C ALA B 88 -22.85 5.05 1.07
N VAL B 89 -24.04 5.21 0.50
CA VAL B 89 -24.23 4.97 -0.92
C VAL B 89 -23.50 6.02 -1.75
N MET B 90 -23.47 7.27 -1.26
CA MET B 90 -22.73 8.31 -1.97
C MET B 90 -21.23 8.04 -1.95
N ALA B 91 -20.71 7.53 -0.84
CA ALA B 91 -19.29 7.18 -0.76
C ALA B 91 -18.96 6.02 -1.68
N LEU B 92 -19.84 5.02 -1.72
CA LEU B 92 -19.65 3.89 -2.63
C LEU B 92 -19.67 4.33 -4.08
N GLN B 93 -20.56 5.26 -4.42
CA GLN B 93 -20.63 5.73 -5.81
C GLN B 93 -19.41 6.56 -6.19
N GLU B 94 -18.93 7.39 -5.27
CA GLU B 94 -17.73 8.19 -5.54
C GLU B 94 -16.51 7.30 -5.74
N ALA B 95 -16.35 6.31 -4.87
CA ALA B 95 -15.21 5.41 -4.98
C ALA B 95 -15.29 4.54 -6.24
N SER B 96 -16.48 4.08 -6.60
CA SER B 96 -16.64 3.25 -7.78
C SER B 96 -16.38 4.03 -9.06
N GLU B 97 -16.86 5.27 -9.12
CA GLU B 97 -16.64 6.08 -10.31
C GLU B 97 -15.17 6.46 -10.45
N ALA B 98 -14.49 6.75 -9.34
CA ALA B 98 -13.07 7.06 -9.41
C ALA B 98 -12.24 5.86 -9.84
N TYR B 99 -12.61 4.67 -9.35
CA TYR B 99 -11.91 3.44 -9.73
C TYR B 99 -12.12 3.14 -11.21
N LEU B 100 -13.34 3.32 -11.71
CA LEU B 100 -13.61 3.03 -13.11
C LEU B 100 -12.93 4.04 -14.03
N VAL B 101 -12.81 5.30 -13.58
CA VAL B 101 -12.14 6.31 -14.40
C VAL B 101 -10.65 6.00 -14.51
N GLY B 102 -10.01 5.63 -13.38
CA GLY B 102 -8.60 5.27 -13.43
C GLY B 102 -8.36 4.01 -14.25
N LEU B 103 -9.29 3.05 -14.18
CA LEU B 103 -9.19 1.84 -14.98
C LEU B 103 -9.31 2.14 -16.46
N PHE B 104 -10.19 3.08 -16.82
CA PHE B 104 -10.33 3.44 -18.23
C PHE B 104 -9.12 4.23 -18.73
N GLU B 105 -8.45 4.97 -17.86
CA GLU B 105 -7.20 5.63 -18.25
C GLU B 105 -6.11 4.60 -18.55
N ASP B 106 -5.96 3.58 -17.69
CA ASP B 106 -4.97 2.55 -17.97
C ASP B 106 -5.33 1.73 -19.19
N THR B 107 -6.63 1.51 -19.40
CA THR B 107 -7.12 0.86 -20.61
C THR B 107 -6.75 1.64 -21.87
N ASN B 108 -6.91 2.97 -21.83
CA ASN B 108 -6.59 3.79 -22.97
C ASN B 108 -5.09 3.78 -23.25
N LEU B 109 -4.29 3.72 -22.18
CA LEU B 109 -2.84 3.61 -22.39
C LEU B 109 -2.46 2.28 -23.02
N CYS B 110 -3.11 1.19 -22.63
CA CYS B 110 -2.85 -0.10 -23.26
C CYS B 110 -3.27 -0.10 -24.72
N ALA B 111 -4.43 0.50 -25.03
CA ALA B 111 -4.94 0.52 -26.39
C ALA B 111 -4.07 1.39 -27.29
N ILE B 112 -3.53 2.48 -26.76
CA ILE B 112 -2.60 3.30 -27.52
C ILE B 112 -1.29 2.54 -27.71
N HIS B 113 -0.88 1.77 -26.70
CA HIS B 113 0.34 0.98 -26.80
C HIS B 113 0.25 -0.10 -27.86
N ALA B 114 -0.93 -0.67 -28.08
CA ALA B 114 -1.11 -1.66 -29.12
C ALA B 114 -1.44 -1.03 -30.47
N LYS B 115 -1.17 0.27 -30.63
CA LYS B 115 -1.39 1.04 -31.87
C LYS B 115 -2.86 0.99 -32.31
N ARG B 116 -3.74 1.29 -31.37
CA ARG B 116 -5.17 1.40 -31.64
C ARG B 116 -5.70 2.64 -30.96
N VAL B 117 -6.91 3.03 -31.34
CA VAL B 117 -7.67 4.05 -30.62
C VAL B 117 -8.93 3.48 -30.01
N THR B 118 -9.25 2.22 -30.30
CA THR B 118 -10.45 1.57 -29.79
C THR B 118 -10.04 0.66 -28.66
N ILE B 119 -10.57 0.90 -27.46
CA ILE B 119 -10.29 0.01 -26.35
C ILE B 119 -11.09 -1.27 -26.52
N MET B 120 -10.49 -2.38 -26.10
CA MET B 120 -11.03 -3.71 -26.24
C MET B 120 -10.91 -4.39 -24.89
N PRO B 121 -11.68 -5.47 -24.64
CA PRO B 121 -11.63 -6.10 -23.31
C PRO B 121 -10.28 -6.66 -22.90
N LYS B 122 -9.45 -7.05 -23.86
CA LYS B 122 -8.12 -7.51 -23.52
C LYS B 122 -7.23 -6.39 -23.00
N ASP B 123 -7.55 -5.13 -23.34
CA ASP B 123 -6.85 -4.01 -22.73
C ASP B 123 -7.18 -3.90 -21.25
N ILE B 124 -8.46 -4.07 -20.88
CA ILE B 124 -8.86 -4.04 -19.49
C ILE B 124 -8.25 -5.21 -18.73
N GLN B 125 -8.19 -6.39 -19.38
CA GLN B 125 -7.60 -7.55 -18.74
C GLN B 125 -6.11 -7.37 -18.54
N LEU B 126 -5.43 -6.72 -19.48
CA LEU B 126 -4.00 -6.45 -19.31
C LEU B 126 -3.77 -5.43 -18.21
N ALA B 127 -4.61 -4.40 -18.14
CA ALA B 127 -4.44 -3.37 -17.12
C ALA B 127 -4.66 -3.93 -15.72
N ARG B 128 -5.70 -4.75 -15.55
CA ARG B 128 -5.94 -5.37 -14.26
C ARG B 128 -4.91 -6.44 -13.95
N ARG B 129 -4.29 -7.01 -14.98
CA ARG B 129 -3.24 -8.00 -14.75
C ARG B 129 -1.96 -7.34 -14.28
N ILE B 130 -1.61 -6.20 -14.87
CA ILE B 130 -0.40 -5.48 -14.46
C ILE B 130 -0.60 -4.86 -13.08
N ARG B 131 -1.81 -4.37 -12.81
CA ARG B 131 -2.09 -3.73 -11.52
C ARG B 131 -2.03 -4.72 -10.37
N GLY B 132 -2.42 -5.97 -10.61
CA GLY B 132 -2.34 -6.98 -9.58
C GLY B 132 -3.69 -7.39 -9.05
N GLU B 133 -4.73 -7.24 -9.88
CA GLU B 133 -6.07 -7.58 -9.46
C GLU B 133 -6.53 -8.95 -9.98
N ARG B 134 -5.88 -9.48 -11.01
CA ARG B 134 -6.27 -10.76 -11.58
C ARG B 134 -5.05 -11.56 -12.01
N LYS C 20 -38.37 -9.41 -0.05
CA LYS C 20 -37.70 -8.27 -0.65
C LYS C 20 -36.40 -8.70 -1.32
N VAL C 21 -36.52 -9.17 -2.56
CA VAL C 21 -35.39 -9.70 -3.32
C VAL C 21 -35.23 -8.86 -4.59
N LEU C 22 -34.02 -8.37 -4.80
CA LEU C 22 -33.67 -7.61 -6.00
C LEU C 22 -32.97 -8.52 -6.99
N ARG C 23 -33.13 -8.22 -8.28
CA ARG C 23 -32.59 -9.10 -9.32
C ARG C 23 -32.33 -8.31 -10.59
N ASP C 24 -31.17 -8.57 -11.20
CA ASP C 24 -30.74 -8.02 -12.50
C ASP C 24 -30.69 -6.50 -12.48
N ASN C 25 -30.08 -5.94 -11.43
CA ASN C 25 -29.89 -4.51 -11.37
C ASN C 25 -28.54 -4.08 -11.92
N ILE C 26 -27.75 -5.00 -12.47
CA ILE C 26 -26.48 -4.60 -13.06
C ILE C 26 -26.68 -4.00 -14.44
N GLN C 27 -27.85 -4.20 -15.04
CA GLN C 27 -28.17 -3.51 -16.28
C GLN C 27 -28.63 -2.09 -16.04
N GLY C 28 -28.76 -1.67 -14.78
CA GLY C 28 -29.04 -0.28 -14.48
C GLY C 28 -27.87 0.63 -14.81
N ILE C 29 -26.66 0.09 -14.72
CA ILE C 29 -25.49 0.80 -15.21
C ILE C 29 -25.53 0.63 -16.72
N THR C 30 -26.03 1.64 -17.41
CA THR C 30 -26.31 1.51 -18.83
C THR C 30 -25.07 1.76 -19.66
N LYS C 31 -25.23 1.55 -20.95
CA LYS C 31 -24.21 1.84 -21.95
C LYS C 31 -23.82 3.31 -22.02
N PRO C 32 -24.74 4.30 -22.00
CA PRO C 32 -24.27 5.70 -21.96
C PRO C 32 -23.56 6.09 -20.68
N ALA C 33 -23.89 5.49 -19.54
CA ALA C 33 -23.17 5.82 -18.32
C ALA C 33 -21.74 5.29 -18.35
N ILE C 34 -21.57 4.08 -18.85
CA ILE C 34 -20.23 3.51 -19.02
C ILE C 34 -19.43 4.32 -20.01
N ARG C 35 -20.06 4.77 -21.09
CA ARG C 35 -19.31 5.54 -22.07
C ARG C 35 -19.05 6.96 -21.57
N ARG C 36 -19.86 7.47 -20.64
CA ARG C 36 -19.55 8.75 -20.01
C ARG C 36 -18.33 8.62 -19.10
N LEU C 37 -18.25 7.52 -18.36
CA LEU C 37 -17.06 7.25 -17.56
C LEU C 37 -15.83 7.10 -18.43
N ALA C 38 -15.99 6.50 -19.61
CA ALA C 38 -14.86 6.34 -20.52
C ALA C 38 -14.47 7.67 -21.15
N ARG C 39 -15.45 8.55 -21.39
CA ARG C 39 -15.13 9.89 -21.90
C ARG C 39 -14.39 10.69 -20.85
N ARG C 40 -14.74 10.54 -19.58
CA ARG C 40 -13.97 11.18 -18.53
C ARG C 40 -12.58 10.58 -18.43
N GLY C 41 -12.45 9.28 -18.66
CA GLY C 41 -11.13 8.67 -18.69
C GLY C 41 -10.29 8.98 -19.92
N GLY C 42 -10.85 9.65 -20.92
CA GLY C 42 -10.10 10.06 -22.08
C GLY C 42 -10.23 9.17 -23.28
N VAL C 43 -11.13 8.21 -23.27
CA VAL C 43 -11.25 7.24 -24.35
C VAL C 43 -12.01 7.87 -25.51
N LYS C 44 -11.50 7.66 -26.72
CA LYS C 44 -12.10 8.20 -27.93
C LYS C 44 -13.03 7.21 -28.63
N ARG C 45 -12.71 5.93 -28.63
CA ARG C 45 -13.50 4.91 -29.29
C ARG C 45 -13.64 3.70 -28.39
N ILE C 46 -14.84 3.14 -28.32
CA ILE C 46 -15.17 2.08 -27.37
C ILE C 46 -15.75 0.90 -28.14
N SER C 47 -15.24 -0.30 -27.89
CA SER C 47 -15.80 -1.50 -28.50
C SER C 47 -17.08 -1.92 -27.79
N GLY C 48 -17.76 -2.90 -28.37
CA GLY C 48 -19.08 -3.27 -27.87
C GLY C 48 -19.05 -4.18 -26.66
N LEU C 49 -17.93 -4.86 -26.41
CA LEU C 49 -17.86 -5.80 -25.30
C LEU C 49 -17.36 -5.14 -24.02
N ILE C 50 -16.95 -3.88 -24.13
CA ILE C 50 -16.44 -3.11 -23.01
C ILE C 50 -17.50 -2.95 -21.93
N TYR C 51 -18.77 -2.89 -22.33
CA TYR C 51 -19.85 -2.70 -21.38
C TYR C 51 -20.03 -3.90 -20.46
N GLU C 52 -20.00 -5.11 -21.02
CA GLU C 52 -20.12 -6.31 -20.20
C GLU C 52 -18.88 -6.51 -19.35
N GLU C 53 -17.69 -6.21 -19.90
CA GLU C 53 -16.47 -6.32 -19.11
C GLU C 53 -16.45 -5.33 -17.96
N THR C 54 -16.96 -4.12 -18.19
CA THR C 54 -17.00 -3.09 -17.17
C THR C 54 -18.00 -3.43 -16.08
N ARG C 55 -19.14 -4.00 -16.45
CA ARG C 55 -20.11 -4.45 -15.46
C ARG C 55 -19.54 -5.57 -14.60
N GLY C 56 -18.75 -6.45 -15.20
CA GLY C 56 -18.08 -7.49 -14.42
C GLY C 56 -17.09 -6.95 -13.41
N VAL C 57 -16.21 -6.03 -13.85
CA VAL C 57 -15.19 -5.52 -12.92
C VAL C 57 -15.82 -4.61 -11.86
N LEU C 58 -16.92 -3.95 -12.19
CA LEU C 58 -17.62 -3.15 -11.20
C LEU C 58 -18.27 -4.01 -10.15
N LYS C 59 -18.86 -5.15 -10.56
CA LYS C 59 -19.47 -6.04 -9.58
C LYS C 59 -18.42 -6.68 -8.68
N VAL C 60 -17.25 -6.97 -9.22
CA VAL C 60 -16.15 -7.52 -8.41
C VAL C 60 -15.70 -6.51 -7.35
N PHE C 61 -15.45 -5.27 -7.78
CA PHE C 61 -15.00 -4.22 -6.87
C PHE C 61 -16.01 -3.92 -5.78
N LEU C 62 -17.29 -3.83 -6.18
CA LEU C 62 -18.33 -3.53 -5.22
C LEU C 62 -18.55 -4.68 -4.26
N GLU C 63 -18.37 -5.92 -4.73
CA GLU C 63 -18.50 -7.08 -3.85
C GLU C 63 -17.44 -7.06 -2.76
N ASN C 64 -16.19 -6.73 -3.13
CA ASN C 64 -15.11 -6.67 -2.14
C ASN C 64 -15.36 -5.57 -1.11
N VAL C 65 -15.71 -4.36 -1.57
CA VAL C 65 -15.87 -3.24 -0.66
C VAL C 65 -17.08 -3.41 0.23
N ILE C 66 -18.19 -3.92 -0.34
CA ILE C 66 -19.41 -4.11 0.43
C ILE C 66 -19.24 -5.25 1.44
N ARG C 67 -18.45 -6.27 1.09
CA ARG C 67 -18.20 -7.35 2.03
C ARG C 67 -17.42 -6.86 3.24
N ASP C 68 -16.38 -6.03 3.00
CA ASP C 68 -15.64 -5.49 4.13
C ASP C 68 -16.47 -4.52 4.96
N ALA C 69 -17.34 -3.73 4.31
CA ALA C 69 -18.18 -2.80 5.03
C ALA C 69 -19.21 -3.51 5.90
N VAL C 70 -19.79 -4.60 5.37
CA VAL C 70 -20.78 -5.35 6.12
C VAL C 70 -20.13 -6.12 7.27
N THR C 71 -18.88 -6.54 7.10
CA THR C 71 -18.11 -7.12 8.21
C THR C 71 -17.90 -6.09 9.32
N TYR C 72 -17.51 -4.87 8.94
CA TYR C 72 -17.33 -3.79 9.92
C TYR C 72 -18.62 -3.44 10.62
N THR C 73 -19.75 -3.53 9.92
CA THR C 73 -21.03 -3.23 10.54
C THR C 73 -21.46 -4.34 11.49
N GLU C 74 -21.27 -5.60 11.08
CA GLU C 74 -21.67 -6.74 11.91
C GLU C 74 -20.82 -6.84 13.17
N HIS C 75 -19.57 -6.38 13.13
CA HIS C 75 -18.79 -6.36 14.35
C HIS C 75 -19.32 -5.35 15.36
N ALA C 76 -19.85 -4.23 14.89
CA ALA C 76 -20.39 -3.22 15.77
C ALA C 76 -21.80 -3.52 16.23
N LYS C 77 -22.36 -4.66 15.81
CA LYS C 77 -23.70 -5.13 16.17
C LYS C 77 -24.77 -4.11 15.79
N ARG C 78 -24.62 -3.51 14.61
CA ARG C 78 -25.59 -2.61 14.04
C ARG C 78 -26.24 -3.26 12.83
N LYS C 79 -27.41 -2.74 12.47
CA LYS C 79 -28.09 -3.16 11.25
C LYS C 79 -28.07 -2.09 10.18
N THR C 80 -27.35 -1.00 10.40
CA THR C 80 -27.27 0.11 9.45
C THR C 80 -25.82 0.25 9.02
N VAL C 81 -25.58 0.15 7.71
CA VAL C 81 -24.24 0.37 7.18
C VAL C 81 -24.00 1.87 7.06
N THR C 82 -23.18 2.40 7.95
CA THR C 82 -22.90 3.83 7.94
C THR C 82 -21.81 4.16 6.94
N ALA C 83 -21.57 5.46 6.76
CA ALA C 83 -20.58 5.90 5.80
C ALA C 83 -19.16 5.64 6.29
N MET C 84 -18.98 5.61 7.60
CA MET C 84 -17.64 5.38 8.15
C MET C 84 -17.20 3.94 7.93
N ASP C 85 -18.15 3.01 7.86
CA ASP C 85 -17.79 1.63 7.52
C ASP C 85 -17.28 1.53 6.10
N VAL C 86 -17.88 2.28 5.18
CA VAL C 86 -17.41 2.30 3.81
C VAL C 86 -16.05 2.96 3.72
N VAL C 87 -15.84 4.02 4.50
CA VAL C 87 -14.55 4.71 4.51
C VAL C 87 -13.46 3.79 5.07
N TYR C 88 -13.79 3.02 6.11
CA TYR C 88 -12.83 2.09 6.69
C TYR C 88 -12.53 0.93 5.76
N ALA C 89 -13.53 0.48 5.01
CA ALA C 89 -13.31 -0.60 4.04
C ALA C 89 -12.40 -0.15 2.91
N LEU C 90 -12.64 1.07 2.40
CA LEU C 90 -11.79 1.62 1.35
C LEU C 90 -10.39 1.91 1.87
N LYS C 91 -10.27 2.30 3.14
CA LYS C 91 -8.96 2.49 3.75
C LYS C 91 -8.23 1.18 3.87
N ARG C 92 -8.94 0.10 4.23
CA ARG C 92 -8.32 -1.20 4.36
C ARG C 92 -7.92 -1.78 3.02
N GLN C 93 -8.59 -1.39 1.93
CA GLN C 93 -8.19 -1.85 0.61
C GLN C 93 -7.21 -0.91 -0.08
N GLY C 94 -6.64 0.06 0.65
CA GLY C 94 -5.67 0.95 0.08
C GLY C 94 -6.23 1.97 -0.90
N ARG C 95 -7.46 2.42 -0.67
CA ARG C 95 -8.18 3.33 -1.56
C ARG C 95 -8.83 4.44 -0.75
N THR C 96 -8.02 5.12 0.06
CA THR C 96 -8.48 6.12 1.03
C THR C 96 -9.31 7.23 0.38
N LEU C 97 -10.50 7.47 0.92
CA LEU C 97 -11.47 8.38 0.35
C LEU C 97 -11.68 9.55 1.29
N TYR C 98 -11.54 10.77 0.77
CA TYR C 98 -11.64 11.97 1.58
C TYR C 98 -13.00 12.62 1.38
N GLY C 99 -13.56 13.11 2.47
CA GLY C 99 -14.78 13.88 2.42
C GLY C 99 -16.02 13.26 3.01
N PHE C 100 -15.87 12.26 3.87
CA PHE C 100 -17.05 11.63 4.45
C PHE C 100 -16.90 11.35 5.94
N GLY C 101 -15.90 11.90 6.61
CA GLY C 101 -15.72 11.65 8.02
C GLY C 101 -14.43 10.93 8.32
N ALA D 12 -2.59 -25.19 42.49
CA ALA D 12 -1.32 -25.77 42.93
C ALA D 12 -0.51 -26.32 41.77
N LYS D 13 -0.92 -27.48 41.26
CA LYS D 13 -0.20 -28.10 40.15
C LYS D 13 -0.51 -27.38 38.85
N ALA D 14 0.52 -26.80 38.24
CA ALA D 14 0.33 -25.95 37.08
C ALA D 14 0.11 -26.78 35.82
N LYS D 15 -0.45 -26.12 34.80
CA LYS D 15 -0.72 -26.74 33.51
C LYS D 15 -0.78 -25.61 32.49
N THR D 16 -0.02 -25.74 31.40
CA THR D 16 0.14 -24.65 30.45
C THR D 16 -1.16 -24.38 29.70
N ARG D 17 -1.33 -23.12 29.28
CA ARG D 17 -2.55 -22.73 28.60
C ARG D 17 -2.62 -23.32 27.20
N SER D 18 -1.48 -23.67 26.60
CA SER D 18 -1.51 -24.34 25.32
C SER D 18 -2.04 -25.76 25.47
N SER D 19 -1.74 -26.40 26.59
CA SER D 19 -2.24 -27.75 26.82
C SER D 19 -3.73 -27.73 27.16
N ARG D 20 -4.22 -26.62 27.73
CA ARG D 20 -5.65 -26.52 27.99
C ARG D 20 -6.46 -26.39 26.72
N ALA D 21 -5.89 -25.77 25.70
CA ALA D 21 -6.58 -25.60 24.43
C ALA D 21 -6.20 -26.66 23.41
N GLY D 22 -5.27 -27.53 23.74
CA GLY D 22 -4.82 -28.53 22.79
C GLY D 22 -4.02 -27.96 21.65
N LEU D 23 -3.25 -26.91 21.93
CA LEU D 23 -2.48 -26.22 20.91
C LEU D 23 -1.00 -26.52 21.08
N GLN D 24 -0.27 -26.39 19.98
CA GLN D 24 1.18 -26.50 20.03
C GLN D 24 1.83 -25.13 20.22
N PHE D 25 1.19 -24.09 19.72
CA PHE D 25 1.74 -22.75 19.82
C PHE D 25 1.59 -22.20 21.24
N PRO D 26 2.52 -21.36 21.71
CA PRO D 26 2.43 -20.87 23.09
C PRO D 26 1.36 -19.82 23.28
N VAL D 27 0.42 -20.06 24.18
CA VAL D 27 -0.61 -19.06 24.44
C VAL D 27 -0.04 -17.93 25.28
N GLY D 28 0.83 -18.25 26.23
CA GLY D 28 1.35 -17.23 27.12
C GLY D 28 2.26 -16.25 26.42
N ARG D 29 2.99 -16.72 25.41
CA ARG D 29 3.86 -15.82 24.66
C ARG D 29 3.07 -14.86 23.81
N VAL D 30 1.97 -15.33 23.21
CA VAL D 30 1.10 -14.45 22.44
C VAL D 30 0.40 -13.45 23.36
N HIS D 31 0.06 -13.88 24.58
CA HIS D 31 -0.53 -12.96 25.56
C HIS D 31 0.47 -11.87 25.95
N ARG D 32 1.72 -12.25 26.17
CA ARG D 32 2.74 -11.28 26.54
C ARG D 32 3.06 -10.34 25.39
N LEU D 33 3.07 -10.85 24.16
CA LEU D 33 3.33 -9.99 23.01
C LEU D 33 2.18 -9.04 22.75
N LEU D 34 0.94 -9.49 22.97
CA LEU D 34 -0.21 -8.62 22.81
C LEU D 34 -0.24 -7.54 23.87
N ARG D 35 0.20 -7.86 25.09
CA ARG D 35 0.27 -6.84 26.13
C ARG D 35 1.40 -5.86 25.86
N LYS D 36 2.57 -6.35 25.44
CA LYS D 36 3.74 -5.50 25.26
C LYS D 36 3.86 -4.98 23.84
N GLY D 37 2.81 -5.03 23.05
CA GLY D 37 2.88 -4.49 21.71
C GLY D 37 2.18 -3.17 21.51
N ASN D 38 1.53 -2.67 22.57
CA ASN D 38 0.72 -1.45 22.58
C ASN D 38 -0.38 -1.51 21.51
N TYR D 39 -1.24 -2.50 21.64
CA TYR D 39 -2.37 -2.63 20.73
C TYR D 39 -3.65 -2.09 21.32
N ALA D 40 -3.91 -2.36 22.59
CA ALA D 40 -5.02 -1.74 23.29
C ALA D 40 -4.61 -1.60 24.75
N GLU D 41 -5.49 -0.98 25.53
CA GLU D 41 -5.21 -0.83 26.95
C GLU D 41 -5.28 -2.17 27.67
N ARG D 42 -6.32 -2.95 27.39
CA ARG D 42 -6.53 -4.23 28.05
C ARG D 42 -6.56 -5.32 27.00
N VAL D 43 -6.29 -6.55 27.45
CA VAL D 43 -6.28 -7.73 26.58
C VAL D 43 -7.17 -8.79 27.20
N GLY D 44 -8.14 -9.28 26.44
CA GLY D 44 -9.03 -10.30 26.94
C GLY D 44 -8.33 -11.64 27.13
N ALA D 45 -9.02 -12.53 27.84
CA ALA D 45 -8.42 -13.82 28.14
C ALA D 45 -8.51 -14.78 26.96
N GLY D 46 -9.52 -14.64 26.11
CA GLY D 46 -9.72 -15.57 25.03
C GLY D 46 -8.98 -15.20 23.76
N ALA D 47 -8.57 -13.93 23.66
CA ALA D 47 -7.84 -13.44 22.49
C ALA D 47 -6.51 -14.15 22.23
N PRO D 48 -5.64 -14.44 23.22
CA PRO D 48 -4.43 -15.19 22.88
C PRO D 48 -4.69 -16.62 22.46
N VAL D 49 -5.71 -17.26 23.03
CA VAL D 49 -6.07 -18.61 22.62
C VAL D 49 -6.55 -18.62 21.19
N TYR D 50 -7.38 -17.63 20.83
CA TYR D 50 -7.93 -17.55 19.49
C TYR D 50 -6.83 -17.27 18.48
N LEU D 51 -5.92 -16.35 18.82
CA LEU D 51 -4.84 -15.99 17.90
C LEU D 51 -3.83 -17.12 17.75
N ALA D 52 -3.56 -17.85 18.84
CA ALA D 52 -2.63 -18.98 18.76
C ALA D 52 -3.22 -20.10 17.93
N ALA D 53 -4.53 -20.30 18.01
CA ALA D 53 -5.17 -21.29 17.17
C ALA D 53 -5.10 -20.91 15.70
N VAL D 54 -5.29 -19.62 15.39
CA VAL D 54 -5.23 -19.18 14.00
C VAL D 54 -3.81 -19.31 13.46
N LEU D 55 -2.80 -18.98 14.27
CA LEU D 55 -1.42 -19.10 13.83
C LEU D 55 -1.01 -20.55 13.63
N GLU D 56 -1.48 -21.44 14.52
CA GLU D 56 -1.17 -22.85 14.36
C GLU D 56 -1.84 -23.44 13.13
N TYR D 57 -3.07 -23.01 12.83
CA TYR D 57 -3.75 -23.49 11.64
C TYR D 57 -3.03 -23.04 10.37
N LEU D 58 -2.61 -21.77 10.33
CA LEU D 58 -1.94 -21.28 9.14
C LEU D 58 -0.58 -21.93 8.95
N THR D 59 0.14 -22.17 10.05
CA THR D 59 1.42 -22.87 9.97
C THR D 59 1.24 -24.30 9.47
N ALA D 60 0.23 -25.00 9.97
CA ALA D 60 -0.03 -26.37 9.50
C ALA D 60 -0.45 -26.38 8.04
N GLU D 61 -1.21 -25.37 7.61
CA GLU D 61 -1.68 -25.31 6.24
C GLU D 61 -0.54 -25.09 5.26
N ILE D 62 0.41 -24.23 5.61
CA ILE D 62 1.51 -24.01 4.68
C ILE D 62 2.53 -25.14 4.77
N LEU D 63 2.70 -25.75 5.94
CA LEU D 63 3.70 -26.80 6.09
C LEU D 63 3.24 -28.10 5.43
N GLU D 64 1.94 -28.34 5.34
CA GLU D 64 1.44 -29.51 4.63
C GLU D 64 1.75 -29.42 3.15
N LEU D 65 1.47 -28.26 2.53
CA LEU D 65 1.74 -28.08 1.11
C LEU D 65 3.24 -28.06 0.83
N ALA D 66 4.03 -27.50 1.74
CA ALA D 66 5.48 -27.51 1.56
C ALA D 66 6.03 -28.93 1.66
N GLY D 67 5.48 -29.75 2.55
CA GLY D 67 5.90 -31.13 2.63
C GLY D 67 5.52 -31.93 1.41
N ASN D 68 4.34 -31.65 0.84
CA ASN D 68 3.94 -32.29 -0.41
C ASN D 68 4.86 -31.89 -1.56
N ALA D 69 5.25 -30.61 -1.61
CA ALA D 69 6.13 -30.16 -2.68
C ALA D 69 7.54 -30.71 -2.51
N ALA D 70 7.97 -30.92 -1.26
CA ALA D 70 9.28 -31.53 -1.03
C ALA D 70 9.24 -33.01 -1.36
N ARG D 71 8.10 -33.67 -1.12
CA ARG D 71 7.99 -35.09 -1.46
C ARG D 71 7.92 -35.29 -2.96
N ASP D 72 7.33 -34.34 -3.69
CA ASP D 72 7.25 -34.47 -5.14
C ASP D 72 8.59 -34.29 -5.84
N ASN D 73 9.57 -33.69 -5.18
CA ASN D 73 10.91 -33.53 -5.73
C ASN D 73 11.91 -34.51 -5.12
N LYS D 74 11.41 -35.57 -4.47
CA LYS D 74 12.22 -36.61 -3.83
C LYS D 74 13.18 -36.08 -2.78
N LYS D 75 12.75 -35.06 -2.02
CA LYS D 75 13.56 -34.49 -0.96
C LYS D 75 12.86 -34.72 0.38
N THR D 76 13.66 -34.82 1.45
CA THR D 76 13.11 -35.02 2.78
C THR D 76 13.29 -33.82 3.69
N ARG D 77 13.97 -32.77 3.23
CA ARG D 77 14.06 -31.52 3.97
C ARG D 77 13.35 -30.44 3.16
N ILE D 78 12.58 -29.60 3.86
CA ILE D 78 11.94 -28.49 3.19
C ILE D 78 12.95 -27.37 3.01
N ILE D 79 13.12 -26.94 1.76
CA ILE D 79 13.96 -25.80 1.42
C ILE D 79 13.05 -24.67 0.99
N PRO D 80 13.53 -23.39 0.97
CA PRO D 80 12.67 -22.26 0.57
C PRO D 80 11.99 -22.36 -0.79
N ARG D 81 12.57 -23.13 -1.71
CA ARG D 81 11.94 -23.37 -3.01
C ARG D 81 10.61 -24.09 -2.83
N HIS D 82 10.55 -25.03 -1.89
CA HIS D 82 9.31 -25.74 -1.63
C HIS D 82 8.26 -24.84 -1.00
N LEU D 83 8.68 -23.91 -0.15
CA LEU D 83 7.75 -22.95 0.41
C LEU D 83 7.20 -22.01 -0.65
N GLN D 84 8.05 -21.61 -1.60
CA GLN D 84 7.61 -20.76 -2.70
C GLN D 84 6.63 -21.50 -3.59
N LEU D 85 6.90 -22.77 -3.90
CA LEU D 85 6.00 -23.58 -4.70
C LEU D 85 4.66 -23.78 -3.99
N ALA D 86 4.71 -24.01 -2.67
CA ALA D 86 3.51 -24.25 -1.89
C ALA D 86 2.64 -22.99 -1.81
N VAL D 87 3.27 -21.82 -1.70
CA VAL D 87 2.50 -20.58 -1.62
C VAL D 87 1.94 -20.21 -2.98
N ARG D 88 2.79 -20.19 -4.01
CA ARG D 88 2.34 -19.71 -5.31
C ARG D 88 1.45 -20.70 -6.04
N ASN D 89 1.41 -21.96 -5.62
CA ASN D 89 0.55 -22.93 -6.28
C ASN D 89 -0.85 -23.00 -5.68
N ASP D 90 -1.02 -22.59 -4.42
CA ASP D 90 -2.34 -22.53 -3.79
C ASP D 90 -2.83 -21.09 -3.92
N GLU D 91 -4.06 -20.93 -4.40
CA GLU D 91 -4.56 -19.61 -4.77
C GLU D 91 -4.84 -18.72 -3.55
N GLU D 92 -5.24 -19.33 -2.43
CA GLU D 92 -5.59 -18.53 -1.27
C GLU D 92 -4.34 -18.07 -0.52
N LEU D 93 -3.34 -18.95 -0.43
CA LEU D 93 -2.09 -18.55 0.18
C LEU D 93 -1.35 -17.55 -0.69
N ASN D 94 -1.51 -17.66 -2.01
CA ASN D 94 -0.94 -16.65 -2.91
C ASN D 94 -1.67 -15.33 -2.78
N LYS D 95 -2.98 -15.39 -2.52
CA LYS D 95 -3.75 -14.17 -2.30
C LYS D 95 -3.35 -13.51 -0.99
N LEU D 96 -3.02 -14.31 0.02
CA LEU D 96 -2.60 -13.75 1.30
C LEU D 96 -1.20 -13.17 1.23
N LEU D 97 -0.31 -13.80 0.47
CA LEU D 97 1.09 -13.39 0.38
C LEU D 97 1.41 -12.86 -1.00
N GLY D 98 0.53 -12.00 -1.53
CA GLY D 98 0.74 -11.44 -2.85
C GLY D 98 1.82 -10.38 -2.90
N ARG D 99 2.17 -9.79 -1.76
CA ARG D 99 3.19 -8.76 -1.70
C ARG D 99 4.37 -9.20 -0.84
N VAL D 100 4.68 -10.49 -0.85
CA VAL D 100 5.73 -11.07 -0.03
C VAL D 100 6.77 -11.72 -0.94
N THR D 101 8.02 -11.35 -0.74
CA THR D 101 9.15 -11.97 -1.42
C THR D 101 9.76 -13.00 -0.49
N ILE D 102 9.80 -14.25 -0.94
CA ILE D 102 10.45 -15.32 -0.18
C ILE D 102 11.89 -15.42 -0.68
N ALA D 103 12.83 -15.31 0.24
CA ALA D 103 14.24 -15.38 -0.13
C ALA D 103 14.59 -16.79 -0.59
N GLN D 104 15.42 -16.86 -1.64
CA GLN D 104 15.82 -18.11 -2.31
C GLN D 104 14.62 -18.91 -2.78
N GLY D 105 13.60 -18.22 -3.30
CA GLY D 105 12.38 -18.89 -3.68
C GLY D 105 12.27 -19.23 -5.14
N GLY D 106 12.92 -18.44 -6.00
CA GLY D 106 12.76 -18.67 -7.41
C GLY D 106 11.40 -18.18 -7.88
N VAL D 107 10.95 -18.75 -9.00
CA VAL D 107 9.67 -18.40 -9.60
C VAL D 107 8.96 -19.69 -10.01
N LEU D 108 7.69 -19.53 -10.36
CA LEU D 108 6.95 -20.66 -10.92
C LEU D 108 7.36 -20.88 -12.37
N PRO D 109 7.62 -22.13 -12.76
CA PRO D 109 7.87 -22.41 -14.18
C PRO D 109 6.62 -22.22 -15.01
N ASN D 110 6.61 -21.18 -15.84
CA ASN D 110 5.43 -20.84 -16.63
C ASN D 110 5.90 -20.05 -17.85
N ILE D 111 5.81 -20.68 -19.02
CA ILE D 111 6.17 -20.05 -20.29
C ILE D 111 4.87 -19.74 -21.03
N GLN D 112 4.83 -18.59 -21.69
CA GLN D 112 3.65 -18.21 -22.47
C GLN D 112 3.54 -19.10 -23.70
N SER D 113 2.30 -19.32 -24.15
CA SER D 113 2.06 -20.25 -25.25
C SER D 113 2.49 -19.66 -26.58
N VAL D 114 2.47 -18.33 -26.71
CA VAL D 114 2.83 -17.70 -27.97
C VAL D 114 4.33 -17.68 -28.19
N LEU D 115 5.12 -18.01 -27.17
CA LEU D 115 6.57 -18.08 -27.34
C LEU D 115 7.03 -19.46 -27.77
N LEU D 116 6.27 -20.50 -27.47
CA LEU D 116 6.64 -21.85 -27.86
C LEU D 116 6.36 -22.06 -29.34
N PRO D 117 7.21 -22.83 -30.03
CA PRO D 117 6.97 -23.12 -31.45
C PRO D 117 5.90 -24.19 -31.64
N LYS D 118 5.35 -24.22 -32.85
CA LYS D 118 4.32 -25.18 -33.20
C LYS D 118 4.52 -25.71 -34.61
N THR E 29 22.61 -12.42 25.24
CA THR E 29 21.17 -12.20 25.30
C THR E 29 20.43 -13.20 24.42
N ARG E 30 19.46 -13.88 25.01
CA ARG E 30 18.70 -14.89 24.27
C ARG E 30 17.66 -14.22 23.38
N LYS E 31 17.54 -14.70 22.15
CA LYS E 31 16.53 -14.25 21.21
C LYS E 31 15.51 -15.36 21.02
N GLU E 32 14.23 -15.00 21.15
CA GLU E 32 13.18 -16.00 21.06
C GLU E 32 12.68 -16.12 19.62
N SER E 33 12.07 -17.26 19.34
CA SER E 33 11.58 -17.57 18.01
C SER E 33 10.51 -18.65 18.12
N TYR E 34 9.83 -18.89 17.01
CA TYR E 34 8.81 -19.92 16.94
C TYR E 34 9.35 -21.22 16.38
N ALA E 35 10.63 -21.53 16.60
CA ALA E 35 11.28 -22.63 15.91
C ALA E 35 10.75 -23.98 16.38
N ILE E 36 10.67 -24.18 17.69
CA ILE E 36 10.27 -25.49 18.21
C ILE E 36 8.78 -25.72 17.97
N TYR E 37 7.99 -24.66 17.93
CA TYR E 37 6.57 -24.83 17.69
C TYR E 37 6.29 -25.17 16.23
N VAL E 38 7.02 -24.53 15.32
CA VAL E 38 6.93 -24.87 13.90
C VAL E 38 7.42 -26.30 13.68
N TYR E 39 8.45 -26.72 14.42
CA TYR E 39 8.94 -28.08 14.30
C TYR E 39 7.94 -29.10 14.84
N LYS E 40 7.22 -28.75 15.90
CA LYS E 40 6.20 -29.65 16.44
C LYS E 40 5.02 -29.76 15.49
N VAL E 41 4.64 -28.66 14.85
CA VAL E 41 3.55 -28.71 13.88
C VAL E 41 3.97 -29.52 12.65
N LEU E 42 5.24 -29.40 12.24
CA LEU E 42 5.73 -30.20 11.13
C LEU E 42 5.77 -31.68 11.46
N LYS E 43 6.15 -32.02 12.70
CA LYS E 43 6.10 -33.41 13.12
C LYS E 43 4.68 -33.92 13.24
N GLN E 44 3.72 -33.04 13.51
CA GLN E 44 2.32 -33.46 13.48
C GLN E 44 1.82 -33.70 12.06
N VAL E 45 2.27 -32.91 11.10
CA VAL E 45 1.74 -33.05 9.75
C VAL E 45 2.52 -34.08 8.92
N HIS E 46 3.83 -33.94 8.83
CA HIS E 46 4.67 -34.89 8.07
C HIS E 46 5.71 -35.44 9.02
N PRO E 47 5.50 -36.68 9.49
CA PRO E 47 6.36 -37.20 10.57
C PRO E 47 7.78 -37.52 10.13
N ASP E 48 8.00 -37.82 8.85
CA ASP E 48 9.32 -38.16 8.36
C ASP E 48 9.91 -37.09 7.46
N THR E 49 9.64 -35.83 7.74
CA THR E 49 10.15 -34.72 6.95
C THR E 49 10.81 -33.70 7.86
N GLY E 50 12.01 -33.26 7.49
CA GLY E 50 12.71 -32.22 8.19
C GLY E 50 12.60 -30.88 7.47
N ILE E 51 13.27 -29.90 8.04
CA ILE E 51 13.22 -28.54 7.51
C ILE E 51 14.58 -27.89 7.70
N SER E 52 15.06 -27.21 6.66
CA SER E 52 16.35 -26.55 6.72
C SER E 52 16.28 -25.31 7.60
N SER E 53 17.44 -24.68 7.79
CA SER E 53 17.49 -23.52 8.68
C SER E 53 16.88 -22.29 8.04
N LYS E 54 17.11 -22.10 6.73
CA LYS E 54 16.59 -20.92 6.05
C LYS E 54 15.08 -21.00 5.90
N ALA E 55 14.55 -22.18 5.65
CA ALA E 55 13.10 -22.36 5.60
C ALA E 55 12.48 -22.16 6.97
N MET E 56 13.20 -22.54 8.03
CA MET E 56 12.73 -22.31 9.38
C MET E 56 12.67 -20.82 9.70
N SER E 57 13.67 -20.06 9.23
CA SER E 57 13.65 -18.61 9.44
C SER E 57 12.53 -17.96 8.64
N ILE E 58 12.25 -18.49 7.45
CA ILE E 58 11.14 -17.97 6.64
C ILE E 58 9.81 -18.24 7.33
N MET E 59 9.66 -19.42 7.94
CA MET E 59 8.44 -19.73 8.68
C MET E 59 8.29 -18.85 9.91
N ASN E 60 9.40 -18.55 10.58
CA ASN E 60 9.37 -17.66 11.74
C ASN E 60 8.97 -16.25 11.34
N SER E 61 9.50 -15.76 10.22
CA SER E 61 9.11 -14.45 9.71
C SER E 61 7.65 -14.42 9.29
N PHE E 62 7.15 -15.54 8.75
CA PHE E 62 5.76 -15.65 8.33
C PHE E 62 4.83 -15.57 9.53
N VAL E 63 5.18 -16.27 10.61
CA VAL E 63 4.35 -16.27 11.82
C VAL E 63 4.33 -14.88 12.45
N ASN E 64 5.50 -14.22 12.48
CA ASN E 64 5.55 -12.86 13.03
C ASN E 64 4.75 -11.88 12.19
N ASP E 65 4.79 -12.03 10.86
CA ASP E 65 4.08 -11.12 9.97
C ASP E 65 2.56 -11.27 10.12
N VAL E 66 2.09 -12.51 10.17
CA VAL E 66 0.64 -12.73 10.30
C VAL E 66 0.16 -12.28 11.68
N PHE E 67 0.99 -12.49 12.71
CA PHE E 67 0.65 -12.02 14.05
C PHE E 67 0.52 -10.50 14.10
N GLU E 68 1.45 -9.78 13.46
CA GLU E 68 1.36 -8.33 13.44
C GLU E 68 0.17 -7.84 12.63
N ARG E 69 -0.18 -8.53 11.54
CA ARG E 69 -1.34 -8.14 10.75
C ARG E 69 -2.63 -8.28 11.55
N ILE E 70 -2.81 -9.43 12.19
CA ILE E 70 -4.05 -9.69 12.92
C ILE E 70 -4.13 -8.80 14.17
N ALA E 71 -3.00 -8.59 14.83
CA ALA E 71 -3.00 -7.77 16.03
C ALA E 71 -3.25 -6.30 15.70
N GLY E 72 -2.69 -5.81 14.60
CA GLY E 72 -2.95 -4.43 14.21
C GLY E 72 -4.38 -4.21 13.77
N GLU E 73 -4.95 -5.19 13.07
CA GLU E 73 -6.35 -5.08 12.65
C GLU E 73 -7.29 -5.13 13.85
N ALA E 74 -6.98 -5.97 14.84
CA ALA E 74 -7.82 -6.04 16.03
C ALA E 74 -7.70 -4.78 16.87
N SER E 75 -6.49 -4.19 16.90
CA SER E 75 -6.31 -2.92 17.59
C SER E 75 -7.12 -1.81 16.94
N ARG E 76 -7.12 -1.78 15.61
CA ARG E 76 -7.90 -0.77 14.89
C ARG E 76 -9.39 -0.99 15.06
N LEU E 77 -9.82 -2.26 15.14
CA LEU E 77 -11.23 -2.55 15.36
C LEU E 77 -11.68 -2.16 16.75
N ALA E 78 -10.83 -2.38 17.76
CA ALA E 78 -11.18 -1.97 19.11
C ALA E 78 -11.17 -0.46 19.26
N HIS E 79 -10.28 0.22 18.52
CA HIS E 79 -10.25 1.67 18.58
C HIS E 79 -11.42 2.29 17.85
N TYR E 80 -11.92 1.63 16.81
CA TYR E 80 -13.02 2.18 16.03
C TYR E 80 -14.33 2.20 16.80
N ASN E 81 -14.55 1.22 17.67
CA ASN E 81 -15.79 1.12 18.43
C ASN E 81 -15.65 1.73 19.81
N LYS E 82 -14.57 2.48 20.04
CA LYS E 82 -14.30 3.19 21.30
C LYS E 82 -14.27 2.24 22.49
N ARG E 83 -13.65 1.08 22.30
CA ARG E 83 -13.47 0.10 23.35
C ARG E 83 -12.01 -0.01 23.70
N SER E 84 -11.72 -0.51 24.90
CA SER E 84 -10.37 -0.50 25.43
C SER E 84 -9.84 -1.89 25.74
N THR E 85 -10.41 -2.93 25.15
CA THR E 85 -9.92 -4.28 25.33
C THR E 85 -10.05 -5.06 24.04
N ILE E 86 -9.04 -5.87 23.74
CA ILE E 86 -9.09 -6.77 22.60
C ILE E 86 -9.61 -8.10 23.09
N THR E 87 -10.80 -8.46 22.68
CA THR E 87 -11.41 -9.74 23.02
C THR E 87 -11.31 -10.67 21.83
N SER E 88 -11.88 -11.86 21.97
CA SER E 88 -11.86 -12.83 20.89
C SER E 88 -12.75 -12.42 19.73
N ARG E 89 -13.74 -11.56 19.96
CA ARG E 89 -14.57 -11.08 18.87
C ARG E 89 -13.77 -10.21 17.92
N GLU E 90 -12.86 -9.39 18.47
CA GLU E 90 -11.99 -8.58 17.63
C GLU E 90 -11.03 -9.44 16.82
N ILE E 91 -10.52 -10.52 17.42
CA ILE E 91 -9.63 -11.42 16.69
C ILE E 91 -10.39 -12.13 15.58
N GLN E 92 -11.64 -12.52 15.86
CA GLN E 92 -12.43 -13.23 14.85
C GLN E 92 -12.77 -12.32 13.69
N THR E 93 -13.09 -11.06 13.97
CA THR E 93 -13.38 -10.12 12.90
C THR E 93 -12.12 -9.79 12.12
N ALA E 94 -10.96 -9.74 12.78
CA ALA E 94 -9.70 -9.49 12.07
C ALA E 94 -9.33 -10.66 11.17
N VAL E 95 -9.60 -11.89 11.62
CA VAL E 95 -9.37 -13.07 10.78
C VAL E 95 -10.31 -13.08 9.59
N ARG E 96 -11.57 -12.69 9.80
CA ARG E 96 -12.51 -12.65 8.68
C ARG E 96 -12.19 -11.52 7.72
N LEU E 97 -11.51 -10.47 8.19
CA LEU E 97 -11.13 -9.37 7.31
C LEU E 97 -9.85 -9.65 6.54
N LEU E 98 -8.92 -10.38 7.14
CA LEU E 98 -7.62 -10.57 6.52
C LEU E 98 -7.53 -11.81 5.66
N LEU E 99 -8.15 -12.90 6.07
CA LEU E 99 -7.92 -14.14 5.33
C LEU E 99 -8.98 -14.32 4.26
N PRO E 100 -8.62 -14.83 3.09
CA PRO E 100 -9.61 -14.96 2.00
C PRO E 100 -10.32 -16.31 2.04
N GLY E 101 -11.65 -16.26 2.08
CA GLY E 101 -12.50 -17.41 1.84
C GLY E 101 -12.37 -18.61 2.76
N GLU E 102 -11.89 -19.72 2.20
CA GLU E 102 -11.82 -20.98 2.94
C GLU E 102 -10.82 -20.92 4.08
N LEU E 103 -9.74 -20.16 3.89
CA LEU E 103 -8.78 -19.95 4.98
C LEU E 103 -9.44 -19.22 6.14
N ALA E 104 -10.27 -18.22 5.83
CA ALA E 104 -10.99 -17.49 6.88
C ALA E 104 -11.99 -18.40 7.59
N LYS E 105 -12.73 -19.22 6.84
CA LYS E 105 -13.73 -20.09 7.46
C LYS E 105 -13.08 -21.15 8.36
N HIS E 106 -12.03 -21.81 7.86
CA HIS E 106 -11.38 -22.83 8.67
C HIS E 106 -10.61 -22.25 9.84
N ALA E 107 -10.07 -21.04 9.70
CA ALA E 107 -9.36 -20.42 10.80
C ALA E 107 -10.32 -19.97 11.90
N VAL E 108 -11.49 -19.48 11.51
CA VAL E 108 -12.53 -19.14 12.48
C VAL E 108 -13.02 -20.40 13.21
N SER E 109 -13.15 -21.50 12.47
CA SER E 109 -13.54 -22.77 13.08
C SER E 109 -12.50 -23.26 14.09
N GLU E 110 -11.21 -23.17 13.73
CA GLU E 110 -10.14 -23.58 14.62
C GLU E 110 -10.07 -22.71 15.87
N GLY E 111 -10.22 -21.39 15.70
CA GLY E 111 -10.17 -20.50 16.85
C GLY E 111 -11.33 -20.70 17.80
N THR E 112 -12.53 -20.90 17.25
CA THR E 112 -13.70 -21.13 18.10
C THR E 112 -13.59 -22.46 18.83
N LYS E 113 -13.08 -23.49 18.16
CA LYS E 113 -12.90 -24.79 18.79
C LYS E 113 -11.90 -24.71 19.94
N ALA E 114 -10.81 -23.97 19.74
CA ALA E 114 -9.79 -23.85 20.77
C ALA E 114 -10.27 -23.03 21.96
N VAL E 115 -11.01 -21.94 21.69
CA VAL E 115 -11.53 -21.12 22.78
C VAL E 115 -12.58 -21.87 23.57
N THR E 116 -13.40 -22.68 22.88
CA THR E 116 -14.41 -23.49 23.56
C THR E 116 -13.77 -24.54 24.45
N LYS E 117 -12.74 -25.23 23.94
CA LYS E 117 -12.03 -26.23 24.73
C LYS E 117 -11.29 -25.58 25.90
N TYR E 118 -10.84 -24.34 25.72
CA TYR E 118 -10.14 -23.66 26.80
C TYR E 118 -11.09 -23.23 27.91
N THR E 119 -12.21 -22.61 27.57
CA THR E 119 -13.12 -22.13 28.60
C THR E 119 -14.05 -23.20 29.11
N SER E 120 -14.07 -24.39 28.51
CA SER E 120 -14.87 -25.49 28.99
C SER E 120 -14.16 -26.30 30.07
N ALA E 121 -12.96 -25.90 30.45
CA ALA E 121 -12.19 -26.62 31.45
C ALA E 121 -11.30 -25.66 32.22
N ARG F 40 24.66 -26.11 -35.48
CA ARG F 40 24.11 -24.89 -34.90
C ARG F 40 22.61 -25.03 -34.70
N TYR F 41 22.08 -24.33 -33.70
CA TYR F 41 20.65 -24.34 -33.44
C TYR F 41 19.99 -23.13 -34.09
N ARG F 42 18.69 -23.24 -34.34
CA ARG F 42 17.92 -22.10 -34.80
C ARG F 42 17.77 -21.10 -33.64
N PRO F 43 17.67 -19.80 -33.95
CA PRO F 43 17.47 -18.81 -32.88
C PRO F 43 16.15 -18.98 -32.14
N GLY F 44 16.22 -19.13 -30.82
CA GLY F 44 15.06 -19.34 -29.98
C GLY F 44 15.10 -20.65 -29.21
N THR F 45 15.89 -21.62 -29.67
CA THR F 45 15.96 -22.90 -28.97
C THR F 45 16.80 -22.78 -27.71
N VAL F 46 17.96 -22.15 -27.81
CA VAL F 46 18.81 -21.91 -26.64
C VAL F 46 18.15 -20.90 -25.72
N ALA F 47 17.34 -19.99 -26.27
CA ALA F 47 16.56 -19.07 -25.46
C ALA F 47 15.54 -19.82 -24.60
N LEU F 48 14.82 -20.77 -25.19
CA LEU F 48 13.84 -21.54 -24.43
C LEU F 48 14.53 -22.45 -23.42
N ARG F 49 15.70 -22.97 -23.77
CA ARG F 49 16.46 -23.80 -22.84
C ARG F 49 16.94 -22.98 -21.65
N GLU F 50 17.35 -21.74 -21.90
CA GLU F 50 17.77 -20.86 -20.82
C GLU F 50 16.59 -20.44 -19.96
N ILE F 51 15.41 -20.30 -20.58
CA ILE F 51 14.20 -19.97 -19.83
C ILE F 51 13.86 -21.10 -18.86
N ARG F 52 13.89 -22.34 -19.35
CA ARG F 52 13.62 -23.50 -18.51
C ARG F 52 14.66 -23.64 -17.41
N ARG F 53 15.94 -23.42 -17.74
CA ARG F 53 17.00 -23.61 -16.78
C ARG F 53 16.95 -22.56 -15.68
N TYR F 54 16.77 -21.29 -16.04
CA TYR F 54 16.77 -20.25 -15.02
C TYR F 54 15.45 -20.14 -14.28
N GLN F 55 14.37 -20.72 -14.81
CA GLN F 55 13.18 -20.86 -14.00
C GLN F 55 13.22 -22.10 -13.13
N LYS F 56 14.09 -23.05 -13.43
CA LYS F 56 14.23 -24.25 -12.62
C LYS F 56 14.99 -24.00 -11.33
N SER F 57 15.92 -23.05 -11.32
CA SER F 57 16.84 -22.87 -10.21
C SER F 57 16.49 -21.63 -9.40
N THR F 58 17.18 -21.46 -8.26
CA THR F 58 16.84 -20.42 -7.30
C THR F 58 17.98 -19.48 -6.94
N GLU F 59 19.18 -19.66 -7.48
CA GLU F 59 20.32 -18.87 -7.02
C GLU F 59 20.25 -17.44 -7.58
N LEU F 60 21.10 -16.58 -7.04
CA LEU F 60 21.17 -15.21 -7.51
C LEU F 60 21.87 -15.13 -8.86
N LEU F 61 21.42 -14.19 -9.69
CA LEU F 61 21.92 -14.08 -11.04
C LEU F 61 22.89 -12.93 -11.25
N ILE F 62 22.92 -11.96 -10.35
CA ILE F 62 23.87 -10.86 -10.41
C ILE F 62 25.08 -11.24 -9.57
N ARG F 63 26.26 -10.85 -10.03
CA ARG F 63 27.48 -11.13 -9.30
C ARG F 63 27.52 -10.31 -8.01
N LYS F 64 28.09 -10.91 -6.96
CA LYS F 64 27.98 -10.33 -5.61
C LYS F 64 28.81 -9.06 -5.48
N LEU F 65 30.06 -9.09 -5.93
CA LEU F 65 30.94 -7.93 -5.75
C LEU F 65 30.55 -6.69 -6.56
N PRO F 66 30.11 -6.78 -7.83
CA PRO F 66 29.61 -5.55 -8.48
C PRO F 66 28.36 -4.98 -7.84
N PHE F 67 27.47 -5.84 -7.33
CA PHE F 67 26.29 -5.35 -6.64
C PHE F 67 26.68 -4.68 -5.33
N GLN F 68 27.69 -5.22 -4.65
CA GLN F 68 28.13 -4.63 -3.39
C GLN F 68 28.78 -3.28 -3.63
N ARG F 69 29.57 -3.16 -4.69
CA ARG F 69 30.18 -1.87 -5.03
C ARG F 69 29.12 -0.85 -5.43
N LEU F 70 28.08 -1.29 -6.14
CA LEU F 70 26.99 -0.40 -6.52
C LEU F 70 26.22 0.07 -5.29
N VAL F 71 25.98 -0.83 -4.34
CA VAL F 71 25.26 -0.48 -3.12
C VAL F 71 26.04 0.53 -2.30
N ARG F 72 27.36 0.33 -2.20
CA ARG F 72 28.19 1.29 -1.45
C ARG F 72 28.27 2.64 -2.16
N GLU F 73 28.33 2.64 -3.49
CA GLU F 73 28.37 3.88 -4.24
C GLU F 73 27.07 4.66 -4.09
N ILE F 74 25.94 3.96 -4.06
CA ILE F 74 24.67 4.63 -3.86
C ILE F 74 24.54 5.16 -2.45
N ALA F 75 24.98 4.39 -1.45
CA ALA F 75 24.83 4.81 -0.07
C ALA F 75 25.83 5.89 0.32
N GLN F 76 26.86 6.12 -0.50
CA GLN F 76 27.78 7.22 -0.25
C GLN F 76 27.10 8.58 -0.36
N ASP F 77 26.03 8.67 -1.15
CA ASP F 77 25.34 9.93 -1.38
C ASP F 77 24.38 10.31 -0.27
N PHE F 78 24.29 9.54 0.79
CA PHE F 78 23.42 9.91 1.90
C PHE F 78 24.19 10.12 3.19
N LYS F 79 25.16 9.26 3.50
CA LYS F 79 25.99 9.43 4.68
C LYS F 79 27.32 8.74 4.40
N THR F 80 28.40 9.48 4.56
CA THR F 80 29.72 8.93 4.27
C THR F 80 30.16 8.00 5.40
N ASP F 81 31.11 7.11 5.05
CA ASP F 81 31.73 6.16 5.96
C ASP F 81 30.72 5.23 6.62
N LEU F 82 29.81 4.71 5.81
CA LEU F 82 28.85 3.74 6.30
C LEU F 82 29.39 2.33 6.20
N ARG F 83 29.02 1.50 7.15
CA ARG F 83 29.35 0.09 7.12
C ARG F 83 28.08 -0.70 6.78
N PHE F 84 28.28 -1.88 6.23
CA PHE F 84 27.17 -2.75 5.86
C PHE F 84 27.43 -4.14 6.40
N GLN F 85 26.41 -4.73 7.03
CA GLN F 85 26.46 -6.15 7.29
C GLN F 85 26.31 -6.91 5.99
N SER F 86 26.86 -8.12 5.93
CA SER F 86 26.79 -8.91 4.71
C SER F 86 25.36 -9.36 4.44
N SER F 87 24.59 -9.62 5.49
CA SER F 87 23.20 -9.99 5.34
C SER F 87 22.36 -8.85 4.79
N ALA F 88 22.76 -7.61 5.05
CA ALA F 88 22.06 -6.45 4.50
C ALA F 88 22.23 -6.37 2.99
N VAL F 89 23.47 -6.59 2.52
CA VAL F 89 23.73 -6.58 1.08
C VAL F 89 23.04 -7.76 0.41
N MET F 90 23.00 -8.90 1.09
CA MET F 90 22.30 -10.06 0.53
C MET F 90 20.80 -9.83 0.45
N ALA F 91 20.22 -9.15 1.44
CA ALA F 91 18.80 -8.83 1.40
C ALA F 91 18.48 -7.85 0.29
N LEU F 92 19.35 -6.85 0.09
CA LEU F 92 19.18 -5.92 -1.01
C LEU F 92 19.26 -6.63 -2.36
N GLN F 93 20.15 -7.61 -2.47
CA GLN F 93 20.28 -8.36 -3.72
C GLN F 93 19.06 -9.21 -4.00
N GLU F 94 18.52 -9.87 -2.97
CA GLU F 94 17.33 -10.70 -3.14
C GLU F 94 16.13 -9.85 -3.53
N ALA F 95 15.96 -8.70 -2.87
CA ALA F 95 14.83 -7.82 -3.17
C ALA F 95 14.95 -7.23 -4.57
N SER F 96 16.16 -6.85 -4.97
CA SER F 96 16.35 -6.26 -6.29
C SER F 96 16.12 -7.27 -7.40
N GLU F 97 16.59 -8.50 -7.20
CA GLU F 97 16.38 -9.53 -8.22
C GLU F 97 14.91 -9.92 -8.32
N ALA F 98 14.19 -9.99 -7.19
CA ALA F 98 12.77 -10.29 -7.26
C ALA F 98 11.99 -9.18 -7.96
N TYR F 99 12.36 -7.92 -7.68
CA TYR F 99 11.70 -6.79 -8.33
C TYR F 99 11.95 -6.79 -9.83
N LEU F 100 13.18 -7.09 -10.24
CA LEU F 100 13.50 -7.07 -11.66
C LEU F 100 12.83 -8.22 -12.40
N VAL F 101 12.70 -9.38 -11.74
CA VAL F 101 12.06 -10.52 -12.39
C VAL F 101 10.56 -10.26 -12.57
N GLY F 102 9.91 -9.68 -11.55
CA GLY F 102 8.50 -9.34 -11.69
C GLY F 102 8.28 -8.26 -12.73
N LEU F 103 9.20 -7.30 -12.81
CA LEU F 103 9.13 -6.25 -13.82
C LEU F 103 9.29 -6.83 -15.22
N PHE F 104 10.17 -7.81 -15.38
CA PHE F 104 10.34 -8.41 -16.70
C PHE F 104 9.16 -9.28 -17.10
N GLU F 105 8.47 -9.88 -16.12
CA GLU F 105 7.24 -10.60 -16.43
C GLU F 105 6.16 -9.66 -16.95
N ASP F 106 5.99 -8.51 -16.27
CA ASP F 106 5.01 -7.52 -16.72
C ASP F 106 5.40 -6.93 -18.08
N THR F 107 6.70 -6.74 -18.30
CA THR F 107 7.22 -6.28 -19.58
C THR F 107 6.91 -7.27 -20.70
N ASN F 108 7.06 -8.56 -20.41
CA ASN F 108 6.76 -9.58 -21.41
C ASN F 108 5.27 -9.61 -21.74
N LEU F 109 4.42 -9.35 -20.73
CA LEU F 109 3.00 -9.25 -21.00
C LEU F 109 2.66 -8.07 -21.90
N CYS F 110 3.24 -6.89 -21.63
CA CYS F 110 2.97 -5.74 -22.50
C CYS F 110 3.57 -5.91 -23.88
N ALA F 111 4.66 -6.68 -24.00
CA ALA F 111 5.26 -6.91 -25.31
C ALA F 111 4.42 -7.89 -26.13
N ILE F 112 3.83 -8.88 -25.46
CA ILE F 112 2.94 -9.81 -26.15
C ILE F 112 1.67 -9.10 -26.57
N HIS F 113 1.23 -8.13 -25.77
CA HIS F 113 0.01 -7.38 -26.08
C HIS F 113 0.14 -6.58 -27.37
N ALA F 114 1.35 -6.14 -27.70
CA ALA F 114 1.59 -5.44 -28.95
C ALA F 114 1.99 -6.38 -30.07
N LYS F 115 1.79 -7.69 -29.88
CA LYS F 115 2.07 -8.74 -30.87
C LYS F 115 3.54 -8.77 -31.29
N ARG F 116 4.43 -8.56 -30.33
CA ARG F 116 5.86 -8.75 -30.53
C ARG F 116 6.34 -9.87 -29.64
N VAL F 117 7.59 -10.28 -29.85
CA VAL F 117 8.21 -11.25 -28.95
C VAL F 117 9.46 -10.62 -28.37
N THR F 118 9.76 -9.40 -28.80
CA THR F 118 10.93 -8.67 -28.35
C THR F 118 10.47 -7.58 -27.39
N ILE F 119 11.00 -7.60 -26.17
CA ILE F 119 10.68 -6.52 -25.25
C ILE F 119 11.47 -5.28 -25.63
N MET F 120 10.88 -4.12 -25.43
CA MET F 120 11.42 -2.84 -25.83
C MET F 120 11.27 -1.90 -24.64
N PRO F 121 12.00 -0.77 -24.61
CA PRO F 121 11.87 0.15 -23.48
C PRO F 121 10.48 0.75 -23.27
N LYS F 122 9.68 0.87 -24.34
CA LYS F 122 8.32 1.35 -24.19
C LYS F 122 7.47 0.36 -23.40
N ASP F 123 7.83 -0.93 -23.45
CA ASP F 123 7.11 -1.92 -22.67
C ASP F 123 7.39 -1.75 -21.18
N ILE F 124 8.65 -1.50 -20.82
CA ILE F 124 9.01 -1.24 -19.43
C ILE F 124 8.35 0.03 -18.93
N GLN F 125 8.32 1.07 -19.78
CA GLN F 125 7.68 2.32 -19.40
C GLN F 125 6.18 2.15 -19.21
N LEU F 126 5.53 1.33 -20.04
CA LEU F 126 4.11 1.07 -19.88
C LEU F 126 3.83 0.29 -18.61
N ALA F 127 4.65 -0.73 -18.31
CA ALA F 127 4.43 -1.54 -17.12
C ALA F 127 4.63 -0.73 -15.85
N ARG F 128 5.67 0.11 -15.83
CA ARG F 128 5.91 0.93 -14.64
C ARG F 128 4.90 2.07 -14.53
N ARG F 129 4.32 2.49 -15.66
CA ARG F 129 3.31 3.53 -15.61
C ARG F 129 1.99 2.98 -15.06
N ILE F 130 1.61 1.77 -15.51
CA ILE F 130 0.38 1.17 -15.03
C ILE F 130 0.52 0.74 -13.57
N ARG F 131 1.72 0.29 -13.17
CA ARG F 131 1.95 -0.05 -11.77
C ARG F 131 1.91 1.16 -10.85
N GLY F 132 2.12 2.35 -11.38
CA GLY F 132 2.07 3.55 -10.58
C GLY F 132 3.41 4.09 -10.14
N GLU F 133 4.51 3.58 -10.70
CA GLU F 133 5.83 4.05 -10.34
C GLU F 133 6.28 5.26 -11.14
N ARG F 134 5.66 5.51 -12.30
CA ARG F 134 6.02 6.63 -13.13
C ARG F 134 4.82 7.54 -13.37
N ARG G 17 42.58 5.83 6.14
CA ARG G 17 42.88 7.19 5.72
C ARG G 17 42.60 7.39 4.23
N HIS G 18 42.44 6.29 3.50
CA HIS G 18 42.19 6.33 2.07
C HIS G 18 40.69 6.49 1.86
N ARG G 19 40.26 7.69 1.52
CA ARG G 19 38.85 7.99 1.32
C ARG G 19 38.51 7.68 -0.13
N LYS G 20 38.23 6.40 -0.39
CA LYS G 20 37.94 5.94 -1.75
C LYS G 20 36.54 6.38 -2.16
N VAL G 21 36.45 7.11 -3.26
CA VAL G 21 35.18 7.53 -3.84
C VAL G 21 34.91 6.63 -5.04
N LEU G 22 33.77 5.95 -5.02
CA LEU G 22 33.40 5.05 -6.10
C LEU G 22 32.65 5.80 -7.19
N ARG G 23 32.80 5.33 -8.43
CA ARG G 23 32.12 5.95 -9.56
C ARG G 23 31.94 4.92 -10.67
N ASP G 24 30.76 4.95 -11.30
CA ASP G 24 30.39 4.13 -12.45
C ASP G 24 30.45 2.64 -12.13
N ASN G 25 29.79 2.24 -11.05
CA ASN G 25 29.63 0.82 -10.75
C ASN G 25 28.32 0.26 -11.25
N ILE G 26 27.48 1.09 -11.88
CA ILE G 26 26.24 0.59 -12.47
C ILE G 26 26.54 -0.24 -13.72
N GLN G 27 27.71 -0.06 -14.31
CA GLN G 27 28.14 -0.91 -15.41
C GLN G 27 28.53 -2.30 -14.94
N GLY G 28 28.71 -2.51 -13.63
CA GLY G 28 28.93 -3.84 -13.11
C GLY G 28 27.72 -4.74 -13.18
N ILE G 29 26.54 -4.16 -13.36
CA ILE G 29 25.34 -4.95 -13.67
C ILE G 29 25.41 -5.23 -15.16
N THR G 30 26.06 -6.32 -15.53
CA THR G 30 26.44 -6.56 -16.90
C THR G 30 25.26 -6.99 -17.74
N LYS G 31 25.46 -6.96 -19.05
CA LYS G 31 24.45 -7.43 -19.99
C LYS G 31 24.12 -8.92 -19.85
N PRO G 32 25.06 -9.86 -19.59
CA PRO G 32 24.62 -11.23 -19.28
C PRO G 32 23.75 -11.37 -18.05
N ALA G 33 23.96 -10.53 -17.03
CA ALA G 33 23.12 -10.60 -15.83
C ALA G 33 21.71 -10.15 -16.14
N ILE G 34 21.55 -9.10 -16.94
CA ILE G 34 20.23 -8.64 -17.33
C ILE G 34 19.55 -9.65 -18.23
N ARG G 35 20.34 -10.34 -19.07
CA ARG G 35 19.78 -11.41 -19.90
C ARG G 35 19.30 -12.57 -19.05
N ARG G 36 20.04 -12.92 -17.99
CA ARG G 36 19.62 -14.00 -17.11
C ARG G 36 18.36 -13.63 -16.33
N LEU G 37 18.28 -12.37 -15.89
CA LEU G 37 17.10 -11.90 -15.18
C LEU G 37 15.88 -11.88 -16.10
N ALA G 38 16.09 -11.58 -17.39
CA ALA G 38 14.97 -11.60 -18.32
C ALA G 38 14.58 -13.04 -18.67
N ARG G 39 15.56 -13.95 -18.70
CA ARG G 39 15.27 -15.35 -18.99
C ARG G 39 14.47 -15.98 -17.87
N ARG G 40 14.78 -15.59 -16.62
CA ARG G 40 13.97 -16.06 -15.50
C ARG G 40 12.55 -15.49 -15.56
N GLY G 41 12.39 -14.27 -16.05
CA GLY G 41 11.07 -13.71 -16.23
C GLY G 41 10.30 -14.24 -17.42
N GLY G 42 10.93 -15.06 -18.25
CA GLY G 42 10.26 -15.66 -19.39
C GLY G 42 10.42 -14.93 -20.70
N VAL G 43 11.34 -13.99 -20.79
CA VAL G 43 11.51 -13.21 -22.00
C VAL G 43 12.28 -14.01 -23.03
N LYS G 44 11.77 -14.04 -24.26
CA LYS G 44 12.38 -14.79 -25.35
C LYS G 44 13.34 -13.98 -26.19
N ARG G 45 13.04 -12.70 -26.45
CA ARG G 45 13.87 -11.84 -27.27
C ARG G 45 14.02 -10.50 -26.58
N ILE G 46 15.25 -9.98 -26.53
CA ILE G 46 15.57 -8.78 -25.79
C ILE G 46 16.18 -7.76 -26.74
N SER G 47 15.66 -6.54 -26.72
CA SER G 47 16.24 -5.47 -27.53
C SER G 47 17.55 -4.99 -26.95
N GLY G 48 18.31 -4.27 -27.77
CA GLY G 48 19.59 -3.75 -27.32
C GLY G 48 19.48 -2.56 -26.40
N LEU G 49 18.36 -1.83 -26.45
CA LEU G 49 18.18 -0.67 -25.60
C LEU G 49 17.62 -1.02 -24.23
N ILE G 50 17.44 -2.30 -23.94
CA ILE G 50 16.79 -2.71 -22.70
C ILE G 50 17.72 -2.49 -21.52
N TYR G 51 19.02 -2.66 -21.73
CA TYR G 51 19.97 -2.75 -20.63
C TYR G 51 20.16 -1.42 -19.91
N GLU G 52 20.21 -0.32 -20.64
CA GLU G 52 20.35 0.98 -19.99
C GLU G 52 19.09 1.36 -19.23
N GLU G 53 17.92 1.03 -19.78
CA GLU G 53 16.67 1.25 -19.07
C GLU G 53 16.59 0.43 -17.81
N THR G 54 17.08 -0.82 -17.86
CA THR G 54 17.07 -1.69 -16.69
C THR G 54 18.03 -1.19 -15.62
N ARG G 55 19.19 -0.67 -16.04
CA ARG G 55 20.12 -0.08 -15.08
C ARG G 55 19.53 1.15 -14.42
N GLY G 56 18.80 1.96 -15.19
CA GLY G 56 18.13 3.12 -14.60
C GLY G 56 17.06 2.74 -13.60
N VAL G 57 16.25 1.72 -13.93
CA VAL G 57 15.17 1.29 -13.04
C VAL G 57 15.75 0.70 -11.76
N LEU G 58 16.80 -0.10 -11.89
CA LEU G 58 17.46 -0.68 -10.73
C LEU G 58 18.10 0.39 -9.86
N LYS G 59 18.65 1.44 -10.47
CA LYS G 59 19.23 2.53 -9.69
C LYS G 59 18.17 3.29 -8.91
N VAL G 60 17.01 3.52 -9.52
CA VAL G 60 15.92 4.21 -8.82
C VAL G 60 15.42 3.37 -7.65
N PHE G 61 15.25 2.07 -7.86
CA PHE G 61 14.76 1.18 -6.81
C PHE G 61 15.75 1.10 -5.65
N LEU G 62 17.04 0.95 -5.97
CA LEU G 62 18.05 0.84 -4.93
C LEU G 62 18.20 2.15 -4.17
N GLU G 63 18.05 3.29 -4.85
CA GLU G 63 18.09 4.58 -4.17
C GLU G 63 16.94 4.70 -3.18
N ASN G 64 15.73 4.32 -3.61
CA ASN G 64 14.56 4.44 -2.75
C ASN G 64 14.66 3.54 -1.53
N VAL G 65 15.24 2.35 -1.68
CA VAL G 65 15.35 1.46 -0.52
C VAL G 65 16.48 1.89 0.40
N ILE G 66 17.62 2.28 -0.18
CA ILE G 66 18.82 2.56 0.61
C ILE G 66 18.64 3.86 1.39
N ARG G 67 17.86 4.81 0.85
CA ARG G 67 17.59 6.05 1.59
C ARG G 67 16.82 5.79 2.88
N ASP G 68 15.81 4.91 2.81
CA ASP G 68 15.06 4.58 4.01
C ASP G 68 15.88 3.74 4.98
N ALA G 69 16.74 2.86 4.45
CA ALA G 69 17.60 2.06 5.33
C ALA G 69 18.58 2.95 6.08
N VAL G 70 19.15 3.95 5.39
CA VAL G 70 20.07 4.87 6.03
C VAL G 70 19.35 5.77 7.01
N THR G 71 18.07 6.12 6.74
CA THR G 71 17.30 6.89 7.71
C THR G 71 17.03 6.10 8.98
N TYR G 72 16.69 4.81 8.84
CA TYR G 72 16.49 3.95 10.00
C TYR G 72 17.79 3.75 10.78
N THR G 73 18.92 3.75 10.08
CA THR G 73 20.21 3.60 10.76
C THR G 73 20.59 4.88 11.50
N GLU G 74 20.37 6.03 10.87
CA GLU G 74 20.72 7.30 11.49
C GLU G 74 19.84 7.59 12.69
N HIS G 75 18.59 7.10 12.68
CA HIS G 75 17.74 7.27 13.84
C HIS G 75 18.25 6.47 15.03
N ALA G 76 18.83 5.31 14.78
CA ALA G 76 19.34 4.48 15.86
C ALA G 76 20.72 4.89 16.33
N LYS G 77 21.32 5.92 15.70
CA LYS G 77 22.65 6.43 16.02
C LYS G 77 23.73 5.35 15.89
N ARG G 78 23.59 4.52 14.87
CA ARG G 78 24.57 3.50 14.55
C ARG G 78 25.30 3.89 13.28
N LYS G 79 26.47 3.28 13.08
CA LYS G 79 27.25 3.54 11.88
C LYS G 79 27.13 2.46 10.83
N THR G 80 26.53 1.31 11.15
CA THR G 80 26.42 0.21 10.21
C THR G 80 24.96 -0.05 9.84
N VAL G 81 24.71 -0.36 8.58
CA VAL G 81 23.37 -0.71 8.13
C VAL G 81 23.13 -2.19 8.38
N THR G 82 22.21 -2.48 9.28
CA THR G 82 21.88 -3.86 9.60
C THR G 82 20.84 -4.40 8.62
N ALA G 83 20.63 -5.71 8.66
CA ALA G 83 19.68 -6.35 7.76
C ALA G 83 18.26 -5.99 8.11
N MET G 84 17.99 -5.73 9.39
CA MET G 84 16.65 -5.37 9.82
C MET G 84 16.24 -4.01 9.29
N ASP G 85 17.22 -3.11 9.08
CA ASP G 85 16.91 -1.82 8.49
C ASP G 85 16.44 -1.97 7.05
N VAL G 86 17.07 -2.87 6.31
CA VAL G 86 16.66 -3.14 4.94
C VAL G 86 15.28 -3.81 4.93
N VAL G 87 15.04 -4.70 5.89
CA VAL G 87 13.74 -5.38 5.98
C VAL G 87 12.64 -4.39 6.32
N TYR G 88 12.93 -3.43 7.21
CA TYR G 88 11.95 -2.41 7.57
C TYR G 88 11.69 -1.44 6.43
N ALA G 89 12.73 -1.14 5.64
CA ALA G 89 12.54 -0.28 4.48
C ALA G 89 11.66 -0.95 3.43
N LEU G 90 11.89 -2.25 3.21
CA LEU G 90 11.08 -2.98 2.25
C LEU G 90 9.65 -3.15 2.75
N LYS G 91 9.48 -3.34 4.07
CA LYS G 91 8.14 -3.33 4.67
C LYS G 91 7.45 -1.98 4.47
N ARG G 92 8.20 -0.90 4.63
CA ARG G 92 7.63 0.44 4.56
C ARG G 92 7.27 0.80 3.12
N GLN G 93 7.92 0.19 2.14
CA GLN G 93 7.52 0.36 0.74
C GLN G 93 6.54 -0.70 0.28
N GLY G 94 6.08 -1.56 1.18
CA GLY G 94 5.13 -2.60 0.81
C GLY G 94 5.72 -3.71 -0.02
N ARG G 95 6.94 -4.13 0.30
CA ARG G 95 7.65 -5.17 -0.45
C ARG G 95 8.29 -6.14 0.54
N THR G 96 7.47 -6.65 1.46
CA THR G 96 7.91 -7.46 2.60
C THR G 96 8.76 -8.65 2.19
N LEU G 97 9.87 -8.85 2.90
CA LEU G 97 10.87 -9.83 2.56
C LEU G 97 11.05 -10.81 3.70
N TYR G 98 10.88 -12.10 3.42
CA TYR G 98 10.94 -13.13 4.45
C TYR G 98 12.31 -13.78 4.45
N GLY G 99 12.81 -14.08 5.63
CA GLY G 99 14.01 -14.88 5.73
C GLY G 99 15.26 -14.13 6.11
N PHE G 100 15.10 -13.00 6.77
CA PHE G 100 16.26 -12.24 7.23
C PHE G 100 16.06 -11.72 8.64
N GLY G 101 14.95 -12.12 9.26
CA GLY G 101 14.63 -11.70 10.61
C GLY G 101 13.31 -10.95 10.65
N GLY G 102 12.85 -10.75 11.88
CA GLY G 102 11.62 -10.01 12.12
C GLY G 102 10.37 -10.71 11.64
N ALA H 12 -2.07 32.02 38.43
CA ALA H 12 -1.41 32.67 37.31
C ALA H 12 -2.26 32.58 36.05
N LYS H 13 -2.18 33.61 35.20
CA LYS H 13 -2.94 33.59 33.96
C LYS H 13 -2.32 32.61 32.97
N ALA H 14 -3.17 32.01 32.16
CA ALA H 14 -2.77 30.89 31.31
C ALA H 14 -2.55 31.36 29.87
N LYS H 15 -1.48 30.87 29.27
CA LYS H 15 -1.23 31.01 27.84
C LYS H 15 -1.28 29.62 27.22
N THR H 16 -1.85 29.52 26.02
CA THR H 16 -1.89 28.25 25.34
C THR H 16 -0.49 27.84 24.90
N ARG H 17 -0.28 26.53 24.79
CA ARG H 17 1.00 26.04 24.28
C ARG H 17 1.20 26.38 22.81
N SER H 18 0.11 26.58 22.07
CA SER H 18 0.23 27.00 20.68
C SER H 18 0.75 28.42 20.57
N SER H 19 0.44 29.25 21.56
CA SER H 19 0.93 30.62 21.54
C SER H 19 2.41 30.69 21.87
N ARG H 20 2.91 29.74 22.66
CA ARG H 20 4.33 29.72 22.96
C ARG H 20 5.15 29.32 21.73
N ALA H 21 4.64 28.40 20.93
CA ALA H 21 5.34 27.96 19.74
C ALA H 21 5.04 28.80 18.53
N GLY H 22 4.11 29.74 18.63
CA GLY H 22 3.73 30.57 17.51
C GLY H 22 3.02 29.79 16.43
N LEU H 23 2.05 28.98 16.82
CA LEU H 23 1.33 28.11 15.90
C LEU H 23 -0.15 28.44 15.92
N GLN H 24 -0.84 28.00 14.89
CA GLN H 24 -2.30 28.09 14.86
C GLN H 24 -2.96 26.80 15.28
N PHE H 25 -2.30 25.67 15.08
CA PHE H 25 -2.86 24.38 15.38
C PHE H 25 -2.73 24.07 16.87
N PRO H 26 -3.70 23.35 17.46
CA PRO H 26 -3.66 23.13 18.91
C PRO H 26 -2.63 22.10 19.34
N VAL H 27 -1.72 22.50 20.21
CA VAL H 27 -0.72 21.56 20.71
C VAL H 27 -1.35 20.65 21.77
N GLY H 28 -2.30 21.18 22.54
CA GLY H 28 -2.92 20.38 23.59
C GLY H 28 -3.79 19.27 23.06
N ARG H 29 -4.53 19.55 21.97
CA ARG H 29 -5.36 18.52 21.37
C ARG H 29 -4.51 17.45 20.71
N VAL H 30 -3.39 17.85 20.09
CA VAL H 30 -2.49 16.89 19.46
C VAL H 30 -1.82 16.02 20.53
N HIS H 31 -1.49 16.62 21.67
CA HIS H 31 -0.93 15.86 22.78
C HIS H 31 -1.94 14.87 23.35
N ARG H 32 -3.20 15.28 23.46
CA ARG H 32 -4.24 14.38 23.94
C ARG H 32 -4.47 13.22 22.98
N LEU H 33 -4.49 13.50 21.68
CA LEU H 33 -4.68 12.44 20.71
C LEU H 33 -3.48 11.49 20.65
N LEU H 34 -2.28 12.02 20.87
CA LEU H 34 -1.09 11.16 20.94
C LEU H 34 -1.13 10.28 22.18
N ARG H 35 -1.64 10.81 23.29
CA ARG H 35 -1.73 10.02 24.52
C ARG H 35 -2.80 8.95 24.40
N LYS H 36 -3.92 9.28 23.78
CA LYS H 36 -5.06 8.37 23.70
C LYS H 36 -5.05 7.51 22.46
N GLY H 37 -4.05 7.64 21.60
CA GLY H 37 -3.98 6.83 20.41
C GLY H 37 -3.34 5.48 20.56
N ASN H 38 -2.80 5.17 21.75
CA ASN H 38 -2.01 3.95 22.01
C ASN H 38 -0.86 3.80 21.03
N TYR H 39 -0.05 4.85 20.93
CA TYR H 39 1.13 4.84 20.08
C TYR H 39 2.38 4.45 20.85
N ALA H 40 2.48 4.85 22.11
CA ALA H 40 3.58 4.45 22.97
C ALA H 40 3.11 4.54 24.41
N GLU H 41 3.99 4.12 25.32
CA GLU H 41 3.70 4.25 26.73
C GLU H 41 3.80 5.69 27.18
N ARG H 42 4.79 6.44 26.69
CA ARG H 42 5.02 7.81 27.10
C ARG H 42 5.11 8.69 25.86
N VAL H 43 4.77 9.96 26.04
CA VAL H 43 4.82 10.96 24.97
C VAL H 43 5.62 12.15 25.48
N GLY H 44 6.72 12.45 24.78
CA GLY H 44 7.56 13.57 25.20
C GLY H 44 6.88 14.90 24.98
N ALA H 45 7.44 15.94 25.61
CA ALA H 45 6.80 17.25 25.57
C ALA H 45 6.96 17.94 24.23
N GLY H 46 8.07 17.67 23.52
CA GLY H 46 8.30 18.35 22.26
C GLY H 46 7.59 17.75 21.08
N ALA H 47 7.16 16.50 21.19
CA ALA H 47 6.49 15.77 20.12
C ALA H 47 5.17 16.39 19.65
N PRO H 48 4.24 16.83 20.51
CA PRO H 48 3.04 17.49 19.95
C PRO H 48 3.33 18.84 19.34
N VAL H 49 4.37 19.53 19.81
CA VAL H 49 4.77 20.81 19.21
C VAL H 49 5.28 20.59 17.79
N TYR H 50 6.15 19.59 17.63
CA TYR H 50 6.67 19.22 16.32
C TYR H 50 5.57 18.77 15.39
N LEU H 51 4.64 17.96 15.89
CA LEU H 51 3.59 17.42 15.04
C LEU H 51 2.60 18.50 14.63
N ALA H 52 2.30 19.43 15.54
CA ALA H 52 1.40 20.53 15.21
C ALA H 52 2.03 21.46 14.19
N ALA H 53 3.35 21.67 14.29
CA ALA H 53 4.05 22.48 13.29
C ALA H 53 4.01 21.83 11.92
N VAL H 54 4.19 20.50 11.86
CA VAL H 54 4.18 19.81 10.58
C VAL H 54 2.79 19.84 9.95
N LEU H 55 1.75 19.62 10.76
CA LEU H 55 0.38 19.65 10.26
C LEU H 55 0.00 21.05 9.78
N GLU H 56 0.43 22.09 10.49
CA GLU H 56 0.15 23.46 10.07
C GLU H 56 0.85 23.78 8.76
N TYR H 57 2.08 23.30 8.58
CA TYR H 57 2.80 23.56 7.34
C TYR H 57 2.13 22.90 6.15
N LEU H 58 1.70 21.64 6.32
CA LEU H 58 1.08 20.93 5.20
C LEU H 58 -0.28 21.52 4.85
N THR H 59 -1.03 21.93 5.88
CA THR H 59 -2.31 22.62 5.65
C THR H 59 -2.09 23.93 4.92
N ALA H 60 -1.05 24.67 5.28
CA ALA H 60 -0.76 25.94 4.62
C ALA H 60 -0.38 25.74 3.17
N GLU H 61 0.39 24.68 2.87
CA GLU H 61 0.79 24.41 1.49
C GLU H 61 -0.41 24.08 0.62
N ILE H 62 -1.27 23.17 1.08
CA ILE H 62 -2.41 22.77 0.26
C ILE H 62 -3.41 23.92 0.14
N LEU H 63 -3.59 24.70 1.20
CA LEU H 63 -4.54 25.81 1.12
C LEU H 63 -4.02 26.93 0.22
N GLU H 64 -2.70 27.14 0.19
CA GLU H 64 -2.13 28.14 -0.70
C GLU H 64 -2.30 27.75 -2.17
N LEU H 65 -2.02 26.48 -2.50
CA LEU H 65 -2.18 26.05 -3.89
C LEU H 65 -3.64 26.01 -4.29
N ALA H 66 -4.53 25.68 -3.36
CA ALA H 66 -5.96 25.67 -3.66
C ALA H 66 -6.49 27.09 -3.83
N GLY H 67 -5.96 28.04 -3.08
CA GLY H 67 -6.38 29.42 -3.26
C GLY H 67 -5.92 30.00 -4.58
N ASN H 68 -4.72 29.60 -5.02
CA ASN H 68 -4.25 30.00 -6.34
C ASN H 68 -5.12 29.40 -7.44
N ALA H 69 -5.50 28.12 -7.29
CA ALA H 69 -6.36 27.49 -8.27
C ALA H 69 -7.77 28.09 -8.27
N ALA H 70 -8.22 28.57 -7.11
CA ALA H 70 -9.54 29.20 -7.05
C ALA H 70 -9.50 30.59 -7.66
N ARG H 71 -8.38 31.30 -7.50
CA ARG H 71 -8.23 32.59 -8.16
C ARG H 71 -8.15 32.42 -9.67
N ASP H 72 -7.57 31.32 -10.14
CA ASP H 72 -7.49 31.09 -11.57
C ASP H 72 -8.82 30.71 -12.21
N ASN H 73 -9.89 30.54 -11.45
CA ASN H 73 -11.21 30.29 -11.99
C ASN H 73 -12.18 31.41 -11.66
N LYS H 74 -11.65 32.55 -11.19
CA LYS H 74 -12.43 33.74 -10.81
C LYS H 74 -13.47 33.42 -9.74
N LYS H 75 -13.09 32.59 -8.77
CA LYS H 75 -13.92 32.26 -7.63
C LYS H 75 -13.20 32.68 -6.37
N THR H 76 -13.96 33.07 -5.35
CA THR H 76 -13.37 33.42 -4.08
C THR H 76 -13.65 32.39 -2.99
N ARG H 77 -14.27 31.27 -3.32
CA ARG H 77 -14.59 30.22 -2.37
C ARG H 77 -14.01 28.92 -2.87
N ILE H 78 -13.30 28.20 -2.01
CA ILE H 78 -12.61 26.99 -2.41
C ILE H 78 -13.59 25.82 -2.42
N ILE H 79 -13.67 25.13 -3.53
CA ILE H 79 -14.50 23.93 -3.67
C ILE H 79 -13.54 22.75 -3.81
N PRO H 80 -14.03 21.49 -3.62
CA PRO H 80 -13.16 20.32 -3.80
C PRO H 80 -12.45 20.18 -5.14
N ARG H 81 -13.03 20.75 -6.19
CA ARG H 81 -12.38 20.76 -7.49
C ARG H 81 -11.05 21.51 -7.44
N HIS H 82 -11.03 22.62 -6.69
CA HIS H 82 -9.81 23.40 -6.54
C HIS H 82 -8.77 22.64 -5.73
N LEU H 83 -9.21 21.85 -4.76
CA LEU H 83 -8.29 21.03 -3.99
C LEU H 83 -7.68 19.93 -4.86
N GLN H 84 -8.48 19.33 -5.74
CA GLN H 84 -7.96 18.31 -6.64
C GLN H 84 -6.98 18.92 -7.64
N LEU H 85 -7.30 20.11 -8.16
CA LEU H 85 -6.37 20.79 -9.06
C LEU H 85 -5.10 21.22 -8.34
N ALA H 86 -5.20 21.50 -7.04
CA ALA H 86 -4.02 21.89 -6.28
C ALA H 86 -3.12 20.70 -6.05
N VAL H 87 -3.69 19.55 -5.70
CA VAL H 87 -2.87 18.38 -5.38
C VAL H 87 -2.27 17.78 -6.64
N ARG H 88 -3.10 17.55 -7.66
CA ARG H 88 -2.62 16.76 -8.79
C ARG H 88 -1.70 17.53 -9.73
N ASN H 89 -1.64 18.85 -9.62
CA ASN H 89 -0.73 19.65 -10.43
C ASN H 89 0.64 19.81 -9.78
N ASP H 90 0.77 19.48 -8.51
CA ASP H 90 2.04 19.57 -7.80
C ASP H 90 2.62 18.16 -7.71
N GLU H 91 3.92 18.05 -7.94
CA GLU H 91 4.55 16.73 -8.00
C GLU H 91 4.62 16.07 -6.62
N GLU H 92 5.12 16.82 -5.63
CA GLU H 92 5.35 16.24 -4.31
C GLU H 92 4.04 15.96 -3.57
N LEU H 93 3.05 16.82 -3.75
CA LEU H 93 1.76 16.59 -3.11
C LEU H 93 1.01 15.44 -3.76
N ASN H 94 1.15 15.28 -5.08
CA ASN H 94 0.56 14.12 -5.74
C ASN H 94 1.28 12.84 -5.34
N LYS H 95 2.57 12.94 -5.06
CA LYS H 95 3.29 11.78 -4.56
C LYS H 95 2.88 11.44 -3.14
N LEU H 96 2.52 12.46 -2.34
CA LEU H 96 2.05 12.20 -0.99
C LEU H 96 0.65 11.60 -0.98
N LEU H 97 -0.20 12.01 -1.90
CA LEU H 97 -1.59 11.59 -1.95
C LEU H 97 -1.86 10.80 -3.22
N GLY H 98 -1.00 9.83 -3.53
CA GLY H 98 -1.21 9.01 -4.70
C GLY H 98 -2.30 7.98 -4.56
N ARG H 99 -2.64 7.59 -3.33
CA ARG H 99 -3.67 6.58 -3.09
C ARG H 99 -4.97 7.20 -2.60
N VAL H 100 -5.09 8.51 -2.67
CA VAL H 100 -6.21 9.21 -2.05
C VAL H 100 -7.20 9.61 -3.13
N THR H 101 -8.48 9.29 -2.86
CA THR H 101 -9.58 9.73 -3.70
C THR H 101 -10.25 10.91 -3.02
N ILE H 102 -10.38 12.01 -3.74
CA ILE H 102 -11.03 13.22 -3.23
C ILE H 102 -12.43 13.26 -3.80
N ALA H 103 -13.43 13.30 -2.91
CA ALA H 103 -14.82 13.36 -3.34
C ALA H 103 -15.11 14.67 -4.06
N GLN H 104 -15.88 14.57 -5.14
CA GLN H 104 -16.21 15.68 -6.06
C GLN H 104 -14.96 16.35 -6.62
N GLY H 105 -13.90 15.57 -6.86
CA GLY H 105 -12.64 16.17 -7.27
C GLY H 105 -12.47 16.30 -8.77
N GLY H 106 -12.99 15.34 -9.53
CA GLY H 106 -12.80 15.38 -10.97
C GLY H 106 -11.42 14.90 -11.39
N VAL H 107 -11.11 15.10 -12.66
CA VAL H 107 -9.91 14.58 -13.30
C VAL H 107 -9.15 15.76 -13.88
N LEU H 108 -7.81 15.68 -13.84
CA LEU H 108 -6.98 16.64 -14.56
C LEU H 108 -7.28 16.60 -16.06
N PRO H 109 -7.56 17.74 -16.69
CA PRO H 109 -7.86 17.74 -18.12
C PRO H 109 -6.62 17.47 -18.95
N ASN H 110 -6.56 16.28 -19.54
CA ASN H 110 -5.46 15.91 -20.41
C ASN H 110 -5.96 14.89 -21.42
N ILE H 111 -5.85 15.23 -22.70
CA ILE H 111 -6.25 14.35 -23.79
C ILE H 111 -4.98 13.86 -24.48
N GLN H 112 -4.96 12.59 -24.85
CA GLN H 112 -3.77 11.99 -25.46
C GLN H 112 -3.56 12.53 -26.87
N SER H 113 -2.30 12.52 -27.31
CA SER H 113 -1.94 13.23 -28.54
C SER H 113 -2.42 12.49 -29.79
N VAL H 114 -2.49 11.16 -29.72
CA VAL H 114 -2.89 10.38 -30.88
C VAL H 114 -4.39 10.44 -31.15
N LEU H 115 -5.17 10.98 -30.22
CA LEU H 115 -6.59 11.15 -30.42
C LEU H 115 -6.96 12.49 -31.04
N LEU H 116 -6.06 13.46 -30.96
CA LEU H 116 -6.30 14.77 -31.56
C LEU H 116 -6.22 14.67 -33.08
N PRO H 117 -7.07 15.40 -33.81
CA PRO H 117 -7.15 15.21 -35.26
C PRO H 117 -5.95 15.81 -35.98
N LYS H 118 -5.66 15.26 -37.16
CA LYS H 118 -4.56 15.74 -37.98
C LYS H 118 -5.06 16.22 -39.34
N THR I 29 -24.18 15.94 20.90
CA THR I 29 -22.89 15.75 21.55
C THR I 29 -21.81 16.59 20.89
N ARG I 30 -20.69 16.74 21.58
CA ARG I 30 -19.57 17.53 21.08
C ARG I 30 -18.67 16.68 20.20
N LYS I 31 -18.53 17.07 18.95
CA LYS I 31 -17.63 16.41 18.00
C LYS I 31 -16.52 17.39 17.65
N GLU I 32 -15.30 17.09 18.07
CA GLU I 32 -14.19 17.97 17.76
C GLU I 32 -13.74 17.79 16.32
N SER I 33 -13.13 18.84 15.78
CA SER I 33 -12.66 18.83 14.39
C SER I 33 -11.51 19.81 14.28
N TYR I 34 -11.05 20.03 13.04
CA TYR I 34 -9.98 20.96 12.76
C TYR I 34 -10.45 22.18 11.96
N ALA I 35 -11.72 22.56 12.07
CA ALA I 35 -12.29 23.55 11.15
C ALA I 35 -11.75 24.95 11.41
N ILE I 36 -11.70 25.35 12.68
CA ILE I 36 -11.31 26.73 13.00
C ILE I 36 -9.83 26.94 12.76
N TYR I 37 -9.02 25.90 12.91
CA TYR I 37 -7.59 26.04 12.68
C TYR I 37 -7.27 26.10 11.19
N VAL I 38 -7.97 25.30 10.38
CA VAL I 38 -7.86 25.40 8.94
C VAL I 38 -8.32 26.76 8.45
N TYR I 39 -9.38 27.30 9.08
CA TYR I 39 -9.85 28.63 8.71
C TYR I 39 -8.86 29.72 9.11
N LYS I 40 -8.17 29.56 10.25
CA LYS I 40 -7.17 30.53 10.66
C LYS I 40 -5.97 30.49 9.74
N VAL I 41 -5.55 29.30 9.32
CA VAL I 41 -4.43 29.17 8.39
C VAL I 41 -4.80 29.73 7.03
N LEU I 42 -6.05 29.54 6.61
CA LEU I 42 -6.52 30.07 5.34
C LEU I 42 -6.57 31.59 5.35
N LYS I 43 -6.99 32.17 6.47
CA LYS I 43 -6.96 33.63 6.57
C LYS I 43 -5.53 34.16 6.68
N GLN I 44 -4.61 33.35 7.19
CA GLN I 44 -3.21 33.75 7.18
C GLN I 44 -2.60 33.71 5.79
N VAL I 45 -3.05 32.78 4.95
CA VAL I 45 -2.47 32.61 3.63
C VAL I 45 -3.21 33.43 2.57
N HIS I 46 -4.52 33.27 2.47
CA HIS I 46 -5.34 33.99 1.50
C HIS I 46 -6.39 34.77 2.27
N PRO I 47 -6.13 36.05 2.54
CA PRO I 47 -6.95 36.77 3.52
C PRO I 47 -8.37 37.07 3.09
N ASP I 48 -8.68 36.96 1.80
CA ASP I 48 -10.01 37.27 1.31
C ASP I 48 -10.71 36.09 0.66
N THR I 49 -10.28 34.87 0.94
CA THR I 49 -10.78 33.68 0.29
C THR I 49 -11.55 32.83 1.30
N GLY I 50 -12.74 32.38 0.91
CA GLY I 50 -13.53 31.47 1.72
C GLY I 50 -13.34 30.03 1.31
N ILE I 51 -14.10 29.16 1.98
CA ILE I 51 -13.95 27.72 1.76
C ILE I 51 -15.31 27.07 1.99
N SER I 52 -15.68 26.15 1.09
CA SER I 52 -16.94 25.45 1.22
C SER I 52 -16.87 24.42 2.33
N SER I 53 -18.04 23.91 2.72
CA SER I 53 -18.10 22.94 3.81
C SER I 53 -17.54 21.58 3.39
N LYS I 54 -17.75 21.22 2.12
CA LYS I 54 -17.21 19.96 1.61
C LYS I 54 -15.69 20.01 1.56
N ALA I 55 -15.14 21.15 1.13
CA ALA I 55 -13.69 21.32 1.13
C ALA I 55 -13.14 21.35 2.54
N MET I 56 -13.92 21.86 3.49
CA MET I 56 -13.51 21.85 4.89
C MET I 56 -13.46 20.44 5.44
N SER I 57 -14.42 19.60 5.07
CA SER I 57 -14.39 18.21 5.52
C SER I 57 -13.25 17.45 4.86
N ILE I 58 -12.91 17.81 3.62
CA ILE I 58 -11.79 17.16 2.94
C ILE I 58 -10.47 17.54 3.62
N MET I 59 -10.33 18.81 3.99
CA MET I 59 -9.11 19.23 4.69
C MET I 59 -9.03 18.61 6.07
N ASN I 60 -10.17 18.43 6.73
CA ASN I 60 -10.21 17.75 8.02
C ASN I 60 -9.78 16.30 7.91
N SER I 61 -10.26 15.60 6.88
CA SER I 61 -9.84 14.22 6.64
C SER I 61 -8.36 14.14 6.30
N PHE I 62 -7.85 15.15 5.59
CA PHE I 62 -6.43 15.19 5.25
C PHE I 62 -5.57 15.34 6.50
N VAL I 63 -5.97 16.23 7.41
CA VAL I 63 -5.20 16.46 8.62
C VAL I 63 -5.21 15.20 9.50
N ASN I 64 -6.38 14.56 9.61
CA ASN I 64 -6.47 13.32 10.40
C ASN I 64 -5.64 12.20 9.79
N ASP I 65 -5.63 12.09 8.46
CA ASP I 65 -4.89 11.04 7.78
C ASP I 65 -3.39 11.21 7.96
N VAL I 66 -2.91 12.45 7.80
CA VAL I 66 -1.48 12.70 7.94
C VAL I 66 -1.04 12.53 9.39
N PHE I 67 -1.91 12.90 10.32
CA PHE I 67 -1.63 12.68 11.75
C PHE I 67 -1.48 11.20 12.06
N GLU I 68 -2.39 10.37 11.55
CA GLU I 68 -2.29 8.93 11.79
C GLU I 68 -1.07 8.31 11.13
N ARG I 69 -0.69 8.81 9.95
CA ARG I 69 0.50 8.28 9.27
C ARG I 69 1.77 8.58 10.06
N ILE I 70 1.93 9.84 10.47
CA ILE I 70 3.15 10.24 11.19
C ILE I 70 3.21 9.59 12.56
N ALA I 71 2.05 9.47 13.22
CA ALA I 71 2.03 8.86 14.55
C ALA I 71 2.29 7.36 14.49
N GLY I 72 1.78 6.68 13.46
CA GLY I 72 2.05 5.25 13.32
C GLY I 72 3.49 4.97 12.99
N GLU I 73 4.10 5.82 12.15
CA GLU I 73 5.51 5.65 11.84
C GLU I 73 6.39 5.94 13.05
N ALA I 74 6.01 6.92 13.86
CA ALA I 74 6.76 7.20 15.08
C ALA I 74 6.61 6.08 16.10
N SER I 75 5.44 5.45 16.12
CA SER I 75 5.23 4.31 17.02
C SER I 75 6.09 3.12 16.59
N ARG I 76 6.19 2.88 15.29
CA ARG I 76 7.08 1.83 14.79
C ARG I 76 8.53 2.15 15.12
N LEU I 77 8.94 3.40 14.97
CA LEU I 77 10.32 3.79 15.26
C LEU I 77 10.64 3.66 16.74
N ALA I 78 9.66 3.93 17.60
CA ALA I 78 9.89 3.77 19.03
C ALA I 78 9.95 2.30 19.40
N HIS I 79 9.15 1.46 18.74
CA HIS I 79 9.16 0.04 19.07
C HIS I 79 10.41 -0.65 18.55
N TYR I 80 10.96 -0.18 17.44
CA TYR I 80 12.11 -0.84 16.83
C TYR I 80 13.36 -0.69 17.67
N ASN I 81 13.54 0.48 18.27
CA ASN I 81 14.71 0.74 19.10
C ASN I 81 14.49 0.36 20.55
N LYS I 82 13.39 -0.32 20.84
CA LYS I 82 12.99 -0.75 22.19
C LYS I 82 12.93 0.42 23.16
N ARG I 83 12.39 1.53 22.69
CA ARG I 83 12.10 2.70 23.50
C ARG I 83 10.62 2.71 23.83
N SER I 84 10.27 3.45 24.88
CA SER I 84 8.88 3.56 25.30
C SER I 84 8.38 4.99 25.29
N THR I 85 9.06 5.89 24.59
CA THR I 85 8.70 7.31 24.57
C THR I 85 8.74 7.80 23.14
N ILE I 86 7.70 8.51 22.72
CA ILE I 86 7.70 9.20 21.43
C ILE I 86 8.16 10.62 21.69
N THR I 87 9.34 10.96 21.17
CA THR I 87 9.90 12.28 21.32
C THR I 87 9.90 12.99 19.97
N SER I 88 10.51 14.17 19.95
CA SER I 88 10.58 14.94 18.70
C SER I 88 11.53 14.31 17.70
N ARG I 89 12.48 13.49 18.16
CA ARG I 89 13.37 12.79 17.24
C ARG I 89 12.61 11.76 16.43
N GLU I 90 11.69 11.04 17.07
CA GLU I 90 10.88 10.07 16.35
C GLU I 90 9.94 10.75 15.37
N ILE I 91 9.41 11.91 15.73
CA ILE I 91 8.52 12.64 14.83
C ILE I 91 9.31 13.16 13.63
N GLN I 92 10.54 13.62 13.87
CA GLN I 92 11.36 14.14 12.79
C GLN I 92 11.78 13.03 11.83
N THR I 93 12.11 11.85 12.37
CA THR I 93 12.46 10.74 11.50
C THR I 93 11.25 10.21 10.74
N ALA I 94 10.06 10.26 11.37
CA ALA I 94 8.86 9.84 10.67
C ALA I 94 8.49 10.82 9.55
N VAL I 95 8.72 12.11 9.77
CA VAL I 95 8.51 13.09 8.72
C VAL I 95 9.48 12.88 7.58
N ARG I 96 10.75 12.59 7.89
CA ARG I 96 11.72 12.33 6.84
C ARG I 96 11.45 11.03 6.10
N LEU I 97 10.80 10.08 6.75
CA LEU I 97 10.43 8.84 6.06
C LEU I 97 9.19 9.01 5.19
N LEU I 98 8.23 9.83 5.64
CA LEU I 98 6.94 9.87 4.97
C LEU I 98 6.82 10.97 3.92
N LEU I 99 7.53 12.06 4.09
CA LEU I 99 7.33 13.15 3.14
C LEU I 99 8.43 13.14 2.10
N PRO I 100 8.12 13.44 0.83
CA PRO I 100 9.16 13.41 -0.20
C PRO I 100 9.88 14.74 -0.32
N GLY I 101 11.21 14.67 -0.32
CA GLY I 101 12.09 15.75 -0.71
C GLY I 101 11.97 17.10 -0.04
N GLU I 102 11.54 18.09 -0.83
CA GLU I 102 11.49 19.47 -0.34
C GLU I 102 10.41 19.65 0.70
N LEU I 103 9.33 18.87 0.60
CA LEU I 103 8.31 18.85 1.64
C LEU I 103 8.90 18.37 2.96
N ALA I 104 9.74 17.34 2.90
CA ALA I 104 10.39 16.83 4.10
C ALA I 104 11.34 17.84 4.69
N LYS I 105 12.12 18.52 3.85
CA LYS I 105 13.08 19.50 4.35
C LYS I 105 12.38 20.71 4.98
N HIS I 106 11.33 21.21 4.34
CA HIS I 106 10.62 22.34 4.88
C HIS I 106 9.85 21.97 6.14
N ALA I 107 9.32 20.75 6.21
CA ALA I 107 8.59 20.34 7.41
C ALA I 107 9.52 20.13 8.58
N VAL I 108 10.72 19.60 8.34
CA VAL I 108 11.72 19.46 9.38
C VAL I 108 12.18 20.83 9.88
N SER I 109 12.35 21.79 8.97
CA SER I 109 12.74 23.14 9.38
C SER I 109 11.65 23.81 10.19
N GLU I 110 10.39 23.63 9.79
CA GLU I 110 9.27 24.23 10.52
C GLU I 110 9.13 23.63 11.92
N GLY I 111 9.26 22.30 12.02
CA GLY I 111 9.15 21.66 13.31
C GLY I 111 10.28 22.02 14.25
N THR I 112 11.50 22.14 13.71
CA THR I 112 12.64 22.49 14.55
C THR I 112 12.55 23.94 15.01
N LYS I 113 12.09 24.84 14.12
CA LYS I 113 11.89 26.23 14.49
C LYS I 113 10.84 26.38 15.58
N ALA I 114 9.75 25.61 15.46
CA ALA I 114 8.68 25.67 16.46
C ALA I 114 9.13 25.10 17.80
N VAL I 115 9.94 24.04 17.77
CA VAL I 115 10.38 23.42 19.03
C VAL I 115 11.37 24.32 19.75
N THR I 116 12.29 24.97 19.01
CA THR I 116 13.20 25.90 19.66
C THR I 116 12.48 27.15 20.16
N LYS I 117 11.46 27.61 19.44
CA LYS I 117 10.68 28.74 19.93
C LYS I 117 9.87 28.36 21.17
N TYR I 118 9.42 27.11 21.24
CA TYR I 118 8.69 26.66 22.41
C TYR I 118 9.60 26.50 23.62
N THR I 119 10.79 25.95 23.43
CA THR I 119 11.66 25.68 24.56
C THR I 119 12.48 26.89 24.96
N SER I 120 12.53 27.92 24.11
CA SER I 120 13.25 29.15 24.47
C SER I 120 12.54 29.90 25.57
N ALA I 121 11.22 30.00 25.48
CA ALA I 121 10.43 30.71 26.47
C ALA I 121 10.31 29.91 27.77
#